data_6ZKX
#
_entry.id   6ZKX
#
_cell.length_a   71.870
_cell.length_b   107.860
_cell.length_c   119.040
_cell.angle_alpha   90.00
_cell.angle_beta   90.00
_cell.angle_gamma   90.00
#
_symmetry.space_group_name_H-M   'P 21 21 21'
#
loop_
_entity.id
_entity.type
_entity.pdbx_description
1 polymer 'HLA class I histocompatibility antigen, alpha chain E'
2 polymer Beta-2-microglobulin
3 polymer 'Enoyl-[acyl-carrier-protein] reductase [NADH]'
4 polymer 'T-cell receptor alpha chain'
5 polymer 'T-cell receptor beta chain'
6 non-polymer 1,2-ETHANEDIOL
7 water water
#
loop_
_entity_poly.entity_id
_entity_poly.type
_entity_poly.pdbx_seq_one_letter_code
_entity_poly.pdbx_strand_id
1 'polypeptide(L)'
;MGSHSLKYFHTSVSRPGRGEPRFISVGYVDDTQFVRFDNDAASPRMVPRAPWMEQEGSEYWDRETRSARDTAQIFRVNLR
TLRGCYNQSEAGSHTLQWMHGCELGPDGRFLRGYEQFAYDGKDYLTLNEDLRSWTAVDTAAQISEQKSNDASEAEHQRAY
LEDTCVEWLHKYLEKGKETLLHLEPPKTHVTHHPISDHEATLRCWALGFYPAEITLTWQQDGEGHTQDTELVETRPAGDG
TFQKWAAVVVPSGEEQRYTCHVQHEGLPEPVTLRWKP
;
A
2 'polypeptide(L)'
;MIQRTPKIQVYSRHPAENGKSNFLNCYVSGFHPSDIEVDLLKNGERIEKVEHSDLSFSKDWSFYLLYYTEFTPTEKDEYA
CRVNHVTLSQPKIVKWDRDM
;
B
3 'polypeptide(L)' RLPAKAPLLGCG C
4 'polypeptide(L)'
;MAQEVTQIPAALSVPEGENLVLNCSFTDSAIYNLQWFRQDPGKGLTSLLLIQSSQREQTSGRLNASLDKSSGRSTLYIAA
SQPGDSATYLCAVTNQAGTALIFGKGTTLSVSSNIQNPDPAVYQLRDSKSSDKSVCLFTDFDSQTNVSQSKDSDVYITDK
CVLDMRSMDFKSNSAVAWSNKSDFACANAFNNSIIPEDT
;
D
5 'polypeptide(L)'
;NAGVTQTPKFQVLKTGQSMTLQCSQDMNHEYMSWYRQDPGMGLRLIHYSVGAGITDQGEVPNGYNVSRSTTEDFPLRLLS
AAPSQTSVYFCASSYSIRGSRGEQFFGPGTRLTVLEDLKNVFPPEVAVFEPSEAEISHTQKATLVCLATGFYPDHVELSW
WVNGKEVHSGVCTDPQPLKEQPALNDSRYALSSRLRVSATFWQDPRNHFRCQVQFYGLSENDEWTQDRAKPVTQIVSAEA
WGRAD
;
E
#
loop_
_chem_comp.id
_chem_comp.type
_chem_comp.name
_chem_comp.formula
EDO non-polymer 1,2-ETHANEDIOL 'C2 H6 O2'
#
# COMPACT_ATOMS: atom_id res chain seq x y z
N SER A 3 16.27 17.74 -27.47
CA SER A 3 15.90 17.12 -26.16
C SER A 3 15.84 15.59 -26.29
N HIS A 4 15.87 14.89 -25.15
CA HIS A 4 15.37 13.51 -24.95
C HIS A 4 14.27 13.55 -23.89
N SER A 5 13.30 12.64 -23.94
CA SER A 5 12.15 12.60 -23.00
C SER A 5 11.84 11.16 -22.58
N LEU A 6 11.39 10.98 -21.34
CA LEU A 6 10.75 9.74 -20.82
C LEU A 6 9.34 10.10 -20.38
N LYS A 7 8.33 9.64 -21.12
CA LYS A 7 6.90 9.96 -20.90
C LYS A 7 6.11 8.66 -20.70
N TYR A 8 5.06 8.73 -19.87
CA TYR A 8 4.03 7.67 -19.75
C TYR A 8 2.66 8.30 -19.98
N PHE A 9 1.76 7.53 -20.61
CA PHE A 9 0.36 7.91 -20.92
C PHE A 9 -0.56 6.88 -20.28
N HIS A 10 -1.27 7.28 -19.23
CA HIS A 10 -2.22 6.44 -18.44
C HIS A 10 -3.65 6.77 -18.86
N THR A 11 -4.46 5.74 -19.10
CA THR A 11 -5.90 5.85 -19.44
C THR A 11 -6.68 4.87 -18.56
N SER A 12 -7.64 5.40 -17.80
CA SER A 12 -8.62 4.63 -16.98
C SER A 12 -10.02 4.92 -17.50
N VAL A 13 -10.79 3.88 -17.81
CA VAL A 13 -12.17 3.99 -18.38
C VAL A 13 -13.11 3.13 -17.52
N SER A 14 -14.06 3.79 -16.84
CA SER A 14 -15.07 3.11 -15.99
C SER A 14 -16.05 2.36 -16.90
N ARG A 15 -16.51 1.20 -16.44
CA ARG A 15 -17.49 0.33 -17.15
C ARG A 15 -18.46 -0.20 -16.10
N PRO A 16 -19.37 0.65 -15.57
CA PRO A 16 -20.18 0.31 -14.41
C PRO A 16 -21.10 -0.88 -14.71
N GLY A 17 -21.13 -1.86 -13.80
CA GLY A 17 -21.84 -3.14 -13.98
C GLY A 17 -20.91 -4.24 -14.46
N ARG A 18 -19.90 -3.88 -15.26
CA ARG A 18 -18.96 -4.84 -15.93
C ARG A 18 -17.66 -4.96 -15.12
N GLY A 19 -17.63 -4.43 -13.88
CA GLY A 19 -16.51 -4.59 -12.93
C GLY A 19 -15.60 -3.37 -12.90
N GLU A 20 -14.32 -3.58 -12.54
CA GLU A 20 -13.32 -2.50 -12.30
C GLU A 20 -13.03 -1.79 -13.62
N PRO A 21 -12.67 -0.48 -13.59
CA PRO A 21 -12.33 0.25 -14.81
C PRO A 21 -11.24 -0.43 -15.64
N ARG A 22 -11.31 -0.28 -16.96
CA ARG A 22 -10.21 -0.60 -17.90
C ARG A 22 -9.06 0.36 -17.61
N PHE A 23 -7.83 -0.16 -17.49
CA PHE A 23 -6.62 0.64 -17.19
C PHE A 23 -5.47 0.24 -18.11
N ILE A 24 -4.89 1.23 -18.79
CA ILE A 24 -3.73 1.07 -19.72
C ILE A 24 -2.71 2.16 -19.40
N SER A 25 -1.43 1.76 -19.28
CA SER A 25 -0.25 2.66 -19.24
C SER A 25 0.69 2.27 -20.39
N VAL A 26 1.22 3.25 -21.12
CA VAL A 26 2.27 3.06 -22.16
C VAL A 26 3.44 4.00 -21.84
N GLY A 27 4.66 3.49 -21.95
CA GLY A 27 5.91 4.26 -21.77
C GLY A 27 6.58 4.55 -23.10
N TYR A 28 7.05 5.78 -23.28
CA TYR A 28 7.82 6.24 -24.47
C TYR A 28 9.16 6.81 -24.00
N VAL A 29 10.24 6.40 -24.65
CA VAL A 29 11.53 7.17 -24.71
C VAL A 29 11.54 7.90 -26.06
N ASP A 30 11.48 9.23 -26.04
CA ASP A 30 11.31 10.07 -27.25
C ASP A 30 10.04 9.60 -27.96
N ASP A 31 10.14 9.10 -29.20
CA ASP A 31 8.98 8.68 -30.03
C ASP A 31 8.96 7.15 -30.17
N THR A 32 9.60 6.43 -29.25
CA THR A 32 9.70 4.94 -29.22
C THR A 32 9.00 4.42 -27.97
N GLN A 33 7.88 3.70 -28.13
CA GLN A 33 7.19 2.97 -27.04
C GLN A 33 8.08 1.78 -26.61
N PHE A 34 8.25 1.56 -25.31
CA PHE A 34 9.19 0.54 -24.77
C PHE A 34 8.50 -0.37 -23.74
N VAL A 35 7.41 0.06 -23.08
CA VAL A 35 6.66 -0.76 -22.09
C VAL A 35 5.16 -0.50 -22.23
N ARG A 36 4.34 -1.44 -21.74
CA ARG A 36 2.87 -1.30 -21.66
C ARG A 36 2.32 -2.13 -20.50
N PHE A 37 1.28 -1.62 -19.83
CA PHE A 37 0.43 -2.35 -18.87
C PHE A 37 -1.03 -2.28 -19.34
N ASP A 38 -1.74 -3.41 -19.31
CA ASP A 38 -3.20 -3.52 -19.61
C ASP A 38 -3.83 -4.52 -18.65
N ASN A 39 -4.77 -4.06 -17.81
CA ASN A 39 -5.39 -4.87 -16.72
C ASN A 39 -6.40 -5.87 -17.31
N ASP A 40 -6.70 -5.78 -18.60
CA ASP A 40 -7.57 -6.75 -19.33
C ASP A 40 -6.72 -7.83 -20.01
N ALA A 41 -5.51 -7.49 -20.47
CA ALA A 41 -4.59 -8.40 -21.20
C ALA A 41 -4.44 -9.74 -20.45
N SER A 43 -1.94 -11.55 -19.65
CA SER A 43 -0.94 -11.28 -18.57
C SER A 43 -1.16 -9.87 -18.04
N PRO A 44 -1.83 -9.69 -16.88
CA PRO A 44 -2.09 -8.35 -16.33
C PRO A 44 -0.84 -7.76 -15.66
N ARG A 45 0.24 -7.62 -16.43
CA ARG A 45 1.57 -7.13 -15.95
C ARG A 45 2.11 -6.07 -16.92
N MET A 46 3.11 -5.31 -16.46
CA MET A 46 3.98 -4.48 -17.34
C MET A 46 4.85 -5.43 -18.16
N VAL A 47 4.88 -5.26 -19.48
CA VAL A 47 5.62 -6.14 -20.43
C VAL A 47 6.49 -5.28 -21.33
N PRO A 48 7.61 -5.82 -21.87
CA PRO A 48 8.45 -5.08 -22.81
C PRO A 48 7.76 -4.87 -24.16
N ARG A 49 7.96 -3.72 -24.80
CA ARG A 49 7.37 -3.37 -26.12
C ARG A 49 8.46 -2.82 -27.07
N ALA A 50 9.72 -2.83 -26.64
CA ALA A 50 10.91 -2.61 -27.50
C ALA A 50 11.87 -3.78 -27.31
N PRO A 51 12.58 -4.24 -28.36
CA PRO A 51 13.54 -5.34 -28.23
C PRO A 51 14.58 -5.13 -27.13
N TRP A 52 15.04 -3.89 -26.95
CA TRP A 52 16.15 -3.51 -26.01
C TRP A 52 15.64 -3.46 -24.55
N MET A 53 14.38 -3.83 -24.31
CA MET A 53 13.79 -3.90 -22.94
C MET A 53 13.63 -5.36 -22.49
N GLU A 54 13.74 -6.33 -23.41
CA GLU A 54 13.34 -7.75 -23.19
C GLU A 54 14.25 -8.44 -22.17
N GLN A 55 15.46 -7.94 -21.95
CA GLN A 55 16.45 -8.55 -21.02
C GLN A 55 16.55 -7.73 -19.73
N GLU A 56 15.40 -7.29 -19.20
CA GLU A 56 15.26 -6.75 -17.82
C GLU A 56 14.82 -7.90 -16.90
N GLY A 57 15.27 -7.91 -15.65
CA GLY A 57 14.97 -8.95 -14.67
C GLY A 57 13.53 -8.85 -14.16
N SER A 58 13.04 -9.91 -13.51
CA SER A 58 11.71 -10.00 -12.88
C SER A 58 11.53 -8.88 -11.86
N GLU A 59 12.63 -8.43 -11.23
CA GLU A 59 12.63 -7.35 -10.21
C GLU A 59 12.01 -6.10 -10.82
N TYR A 60 12.48 -5.69 -12.01
CA TYR A 60 11.99 -4.52 -12.76
C TYR A 60 10.51 -4.71 -13.09
N TRP A 61 10.14 -5.85 -13.66
CA TRP A 61 8.78 -6.15 -14.18
C TRP A 61 7.78 -6.24 -13.01
N ASP A 62 8.19 -6.84 -11.88
CA ASP A 62 7.35 -6.97 -10.65
C ASP A 62 7.07 -5.57 -10.10
N ARG A 63 8.10 -4.73 -9.99
CA ARG A 63 8.02 -3.34 -9.47
C ARG A 63 7.08 -2.52 -10.37
N GLU A 64 7.34 -2.51 -11.68
CA GLU A 64 6.58 -1.71 -12.69
C GLU A 64 5.11 -2.18 -12.71
N THR A 65 4.88 -3.50 -12.64
CA THR A 65 3.53 -4.12 -12.58
C THR A 65 2.78 -3.56 -11.37
N ARG A 66 3.43 -3.47 -10.20
CA ARG A 66 2.78 -3.05 -8.93
C ARG A 66 2.51 -1.54 -8.95
N SER A 67 3.45 -0.74 -9.50
CA SER A 67 3.27 0.73 -9.68
C SER A 67 2.06 1.00 -10.58
N ALA A 68 1.93 0.27 -11.70
CA ALA A 68 0.80 0.35 -12.65
C ALA A 68 -0.49 -0.06 -11.94
N ARG A 69 -0.46 -1.21 -11.25
CA ARG A 69 -1.59 -1.76 -10.46
C ARG A 69 -2.08 -0.70 -9.47
N ASP A 70 -1.18 -0.15 -8.65
CA ASP A 70 -1.49 0.85 -7.59
C ASP A 70 -2.10 2.10 -8.24
N THR A 71 -1.58 2.53 -9.39
CA THR A 71 -2.11 3.69 -10.17
C THR A 71 -3.54 3.38 -10.60
N ALA A 72 -3.77 2.18 -11.16
CA ALA A 72 -5.11 1.69 -11.57
C ALA A 72 -6.10 1.80 -10.42
N GLN A 73 -5.69 1.35 -9.21
CA GLN A 73 -6.56 1.31 -8.00
C GLN A 73 -6.90 2.74 -7.58
N ILE A 74 -5.91 3.63 -7.53
CA ILE A 74 -6.09 5.07 -7.14
C ILE A 74 -6.96 5.77 -8.19
N PHE A 75 -6.77 5.45 -9.48
CA PHE A 75 -7.55 6.04 -10.60
C PHE A 75 -9.02 5.57 -10.50
N ARG A 76 -9.24 4.37 -9.97
CA ARG A 76 -10.59 3.84 -9.67
C ARG A 76 -11.25 4.73 -8.61
N VAL A 77 -10.50 5.14 -7.58
CA VAL A 77 -10.98 6.07 -6.51
C VAL A 77 -11.22 7.45 -7.14
N ASN A 78 -10.29 7.91 -7.98
CA ASN A 78 -10.36 9.25 -8.65
C ASN A 78 -11.61 9.31 -9.54
N LEU A 79 -11.92 8.24 -10.28
CA LEU A 79 -13.10 8.18 -11.18
C LEU A 79 -14.40 8.33 -10.36
N ARG A 80 -14.46 7.73 -9.18
CA ARG A 80 -15.61 7.86 -8.23
C ARG A 80 -15.71 9.31 -7.76
N THR A 81 -14.58 9.91 -7.38
CA THR A 81 -14.49 11.31 -6.91
C THR A 81 -15.00 12.25 -8.01
N LEU A 82 -14.48 12.08 -9.23
CA LEU A 82 -14.79 12.94 -10.40
C LEU A 82 -16.26 12.77 -10.80
N ARG A 83 -16.80 11.55 -10.76
CA ARG A 83 -18.25 11.29 -11.01
C ARG A 83 -19.07 12.15 -10.06
N GLY A 84 -18.77 12.07 -8.76
CA GLY A 84 -19.42 12.87 -7.69
C GLY A 84 -19.26 14.36 -7.94
N CYS A 85 -18.07 14.79 -8.36
CA CYS A 85 -17.68 16.22 -8.58
C CYS A 85 -18.55 16.86 -9.67
N TYR A 86 -18.76 16.16 -10.79
CA TYR A 86 -19.54 16.65 -11.95
C TYR A 86 -21.00 16.20 -11.83
N ASN A 87 -21.34 15.51 -10.75
CA ASN A 87 -22.72 15.05 -10.39
C ASN A 87 -23.28 14.21 -11.55
N GLN A 88 -22.49 13.26 -12.05
CA GLN A 88 -22.88 12.38 -13.18
C GLN A 88 -23.54 11.11 -12.63
N SER A 89 -24.31 10.42 -13.47
CA SER A 89 -24.94 9.10 -13.19
C SER A 89 -23.86 8.05 -12.96
N GLU A 90 -24.15 7.04 -12.13
CA GLU A 90 -23.27 5.87 -11.85
C GLU A 90 -23.34 4.86 -13.01
N ALA A 91 -24.19 5.11 -14.01
CA ALA A 91 -24.46 4.20 -15.15
C ALA A 91 -23.53 4.51 -16.34
N GLY A 92 -23.08 5.76 -16.48
CA GLY A 92 -22.25 6.21 -17.61
C GLY A 92 -20.79 5.82 -17.45
N SER A 93 -20.12 5.53 -18.57
CA SER A 93 -18.65 5.32 -18.65
C SER A 93 -17.96 6.69 -18.72
N HIS A 94 -16.87 6.87 -17.95
CA HIS A 94 -16.06 8.11 -17.94
C HIS A 94 -14.58 7.76 -18.00
N THR A 95 -13.76 8.71 -18.46
CA THR A 95 -12.32 8.54 -18.77
C THR A 95 -11.50 9.50 -17.90
N LEU A 96 -10.50 8.97 -17.20
CA LEU A 96 -9.42 9.75 -16.54
C LEU A 96 -8.11 9.44 -17.27
N GLN A 97 -7.44 10.49 -17.76
CA GLN A 97 -6.13 10.40 -18.46
C GLN A 97 -5.07 11.13 -17.65
N TRP A 98 -3.87 10.56 -17.56
CA TRP A 98 -2.70 11.13 -16.84
C TRP A 98 -1.47 11.04 -17.75
N MET A 99 -0.83 12.19 -18.00
CA MET A 99 0.43 12.31 -18.77
C MET A 99 1.48 12.90 -17.84
N HIS A 100 2.65 12.26 -17.74
CA HIS A 100 3.84 12.78 -17.02
C HIS A 100 5.10 12.49 -17.84
N GLY A 101 6.06 13.41 -17.81
CA GLY A 101 7.33 13.28 -18.53
C GLY A 101 8.42 14.19 -17.98
N CYS A 102 9.67 13.76 -18.13
CA CYS A 102 10.90 14.57 -17.88
C CYS A 102 11.68 14.68 -19.19
N GLU A 103 12.45 15.76 -19.37
CA GLU A 103 13.28 16.00 -20.57
C GLU A 103 14.71 16.36 -20.17
N LEU A 104 15.69 15.92 -20.98
CA LEU A 104 17.12 16.29 -20.84
C LEU A 104 17.43 17.45 -21.79
N GLY A 105 18.34 18.34 -21.38
CA GLY A 105 18.93 19.38 -22.26
C GLY A 105 20.08 18.81 -23.07
N PRO A 106 20.78 19.64 -23.88
CA PRO A 106 21.98 19.19 -24.60
C PRO A 106 23.01 18.52 -23.71
N ASP A 107 23.19 19.02 -22.47
CA ASP A 107 24.22 18.56 -21.50
C ASP A 107 23.84 17.18 -20.92
N GLY A 108 22.58 16.77 -21.04
CA GLY A 108 22.06 15.48 -20.53
C GLY A 108 21.51 15.61 -19.12
N ARG A 109 21.45 16.82 -18.57
CA ARG A 109 20.89 17.11 -17.22
C ARG A 109 19.39 17.42 -17.36
N PHE A 110 18.64 17.31 -16.26
CA PHE A 110 17.20 17.67 -16.17
C PHE A 110 16.98 19.05 -16.79
N LEU A 111 16.12 19.14 -17.81
CA LEU A 111 15.70 20.42 -18.44
C LEU A 111 14.36 20.86 -17.84
N ARG A 112 13.37 19.97 -17.80
CA ARG A 112 12.04 20.26 -17.20
C ARG A 112 11.22 18.98 -17.06
N GLY A 113 10.16 19.06 -16.25
CA GLY A 113 9.14 18.02 -16.09
C GLY A 113 7.75 18.62 -16.25
N TYR A 114 6.73 17.76 -16.37
CA TYR A 114 5.31 18.16 -16.54
C TYR A 114 4.42 16.98 -16.20
N GLU A 115 3.24 17.28 -15.67
CA GLU A 115 2.13 16.32 -15.46
C GLU A 115 0.82 17.04 -15.75
N GLN A 116 -0.11 16.36 -16.40
CA GLN A 116 -1.48 16.86 -16.67
C GLN A 116 -2.47 15.71 -16.48
N PHE A 117 -3.63 16.02 -15.88
CA PHE A 117 -4.81 15.14 -15.80
C PHE A 117 -5.88 15.71 -16.73
N ALA A 118 -6.67 14.82 -17.33
CA ALA A 118 -7.90 15.15 -18.09
C ALA A 118 -9.03 14.21 -17.65
N TYR A 119 -10.22 14.76 -17.47
CA TYR A 119 -11.48 14.00 -17.23
C TYR A 119 -12.37 14.20 -18.45
N ASP A 120 -12.79 13.09 -19.07
CA ASP A 120 -13.67 13.06 -20.28
C ASP A 120 -13.08 13.95 -21.38
N GLY A 121 -11.76 13.89 -21.57
CA GLY A 121 -11.04 14.54 -22.69
C GLY A 121 -10.79 16.02 -22.48
N LYS A 122 -11.07 16.57 -21.29
CA LYS A 122 -10.91 18.01 -20.96
C LYS A 122 -9.83 18.18 -19.89
N ASP A 123 -8.97 19.19 -20.05
CA ASP A 123 -7.96 19.61 -19.03
C ASP A 123 -8.64 19.69 -17.66
N TYR A 124 -8.12 18.97 -16.66
CA TYR A 124 -8.65 19.00 -15.28
C TYR A 124 -7.65 19.73 -14.37
N LEU A 125 -6.45 19.16 -14.19
CA LEU A 125 -5.41 19.64 -13.25
C LEU A 125 -4.04 19.51 -13.91
N THR A 126 -3.20 20.54 -13.75
CA THR A 126 -1.84 20.63 -14.34
C THR A 126 -0.84 20.90 -13.21
N LEU A 127 0.27 20.17 -13.18
CA LEU A 127 1.43 20.46 -12.30
C LEU A 127 2.12 21.72 -12.85
N ASN A 128 2.36 22.72 -11.99
CA ASN A 128 3.04 23.99 -12.36
C ASN A 128 4.46 23.68 -12.85
N GLU A 129 5.06 24.59 -13.63
CA GLU A 129 6.43 24.46 -14.19
C GLU A 129 7.46 24.34 -13.05
N ASP A 130 7.18 24.92 -11.88
CA ASP A 130 8.07 24.86 -10.69
C ASP A 130 7.94 23.49 -10.00
N LEU A 131 6.88 22.73 -10.31
CA LEU A 131 6.63 21.34 -9.84
C LEU A 131 6.34 21.31 -8.33
N ARG A 132 5.89 22.43 -7.76
CA ARG A 132 5.70 22.57 -6.28
C ARG A 132 4.25 22.88 -5.94
N SER A 133 3.36 22.93 -6.94
CA SER A 133 1.91 23.19 -6.79
C SER A 133 1.17 22.77 -8.06
N TRP A 134 -0.16 22.66 -7.96
CA TRP A 134 -1.05 22.23 -9.07
C TRP A 134 -1.96 23.41 -9.45
N THR A 135 -2.21 23.59 -10.76
CA THR A 135 -3.14 24.60 -11.32
C THR A 135 -4.43 23.92 -11.77
N ALA A 136 -5.56 24.36 -11.21
CA ALA A 136 -6.93 24.03 -11.68
C ALA A 136 -7.13 24.63 -13.07
N VAL A 137 -7.36 23.79 -14.09
CA VAL A 137 -7.71 24.25 -15.47
C VAL A 137 -9.23 24.31 -15.57
N ASP A 138 -9.91 23.27 -15.09
CA ASP A 138 -11.37 23.26 -14.84
C ASP A 138 -11.62 23.82 -13.44
N THR A 139 -12.77 24.50 -13.24
CA THR A 139 -13.16 25.10 -11.94
C THR A 139 -13.30 23.97 -10.90
N ALA A 140 -12.79 24.22 -9.69
CA ALA A 140 -12.90 23.34 -8.50
C ALA A 140 -11.97 22.12 -8.61
N ALA A 141 -11.17 22.03 -9.67
CA ALA A 141 -10.18 20.93 -9.86
C ALA A 141 -9.03 21.12 -8.86
N GLN A 142 -8.66 20.07 -8.14
CA GLN A 142 -7.65 20.12 -7.06
C GLN A 142 -7.09 18.72 -6.80
N ILE A 143 -5.96 18.68 -6.08
CA ILE A 143 -5.58 17.54 -5.20
C ILE A 143 -6.59 17.54 -4.04
N SER A 144 -7.10 16.37 -3.65
CA SER A 144 -8.07 16.22 -2.54
C SER A 144 -7.56 16.97 -1.29
N GLU A 145 -8.26 18.04 -0.89
CA GLU A 145 -7.99 18.82 0.35
C GLU A 145 -8.14 17.90 1.57
N GLN A 146 -9.13 17.01 1.53
CA GLN A 146 -9.64 16.24 2.70
C GLN A 146 -8.80 14.97 2.91
N LYS A 147 -8.37 14.31 1.83
CA LYS A 147 -7.73 12.96 1.89
C LYS A 147 -6.31 12.97 1.34
N SER A 148 -5.78 14.14 0.97
CA SER A 148 -4.37 14.30 0.49
C SER A 148 -3.88 15.72 0.78
N ASN A 149 -2.80 16.13 0.10
CA ASN A 149 -2.11 17.42 0.32
C ASN A 149 -1.47 17.85 -1.00
N ASP A 150 -1.84 19.04 -1.49
CA ASP A 150 -1.35 19.63 -2.76
C ASP A 150 0.18 19.62 -2.78
N ALA A 151 0.80 20.22 -1.77
CA ALA A 151 2.28 20.37 -1.64
C ALA A 151 2.95 19.00 -1.60
N SER A 152 2.41 18.07 -0.81
CA SER A 152 2.97 16.71 -0.62
C SER A 152 2.92 15.93 -1.93
N GLU A 153 1.79 15.97 -2.64
CA GLU A 153 1.60 15.27 -3.95
C GLU A 153 2.62 15.84 -4.95
N ALA A 154 2.69 17.16 -5.07
CA ALA A 154 3.62 17.88 -5.97
C ALA A 154 5.05 17.45 -5.67
N GLU A 155 5.41 17.35 -4.39
CA GLU A 155 6.77 17.00 -3.91
C GLU A 155 7.16 15.60 -4.42
N HIS A 156 6.28 14.62 -4.27
CA HIS A 156 6.53 13.20 -4.66
C HIS A 156 6.72 13.12 -6.18
N GLN A 157 5.91 13.85 -6.95
CA GLN A 157 6.00 13.91 -8.43
C GLN A 157 7.27 14.67 -8.84
N ARG A 158 7.63 15.73 -8.12
CA ARG A 158 8.85 16.55 -8.38
C ARG A 158 10.10 15.67 -8.24
N ALA A 159 10.19 14.91 -7.15
CA ALA A 159 11.32 13.99 -6.86
C ALA A 159 11.42 12.95 -8.00
N TYR A 160 10.30 12.36 -8.40
CA TYR A 160 10.23 11.38 -9.51
C TYR A 160 10.76 12.04 -10.79
N LEU A 161 10.28 13.24 -11.13
CA LEU A 161 10.57 13.92 -12.43
C LEU A 161 12.03 14.38 -12.48
N GLU A 162 12.58 14.88 -11.36
CA GLU A 162 13.93 15.49 -11.30
C GLU A 162 15.00 14.40 -11.11
N ASP A 163 14.64 13.25 -10.53
CA ASP A 163 15.59 12.20 -10.08
C ASP A 163 15.33 10.91 -10.86
N THR A 164 14.36 10.10 -10.43
CA THR A 164 14.09 8.73 -10.95
C THR A 164 13.93 8.77 -12.48
N CYS A 165 13.12 9.71 -12.97
CA CYS A 165 12.76 9.84 -14.42
C CYS A 165 14.03 10.12 -15.24
N VAL A 166 14.91 11.01 -14.76
CA VAL A 166 16.18 11.39 -15.43
C VAL A 166 17.13 10.18 -15.42
N GLU A 167 17.31 9.57 -14.24
CA GLU A 167 18.23 8.42 -14.02
C GLU A 167 17.89 7.30 -15.01
N TRP A 168 16.61 6.93 -15.10
CA TRP A 168 16.14 5.78 -15.91
C TRP A 168 16.08 6.13 -17.40
N LEU A 169 15.79 7.39 -17.74
CA LEU A 169 15.88 7.89 -19.14
C LEU A 169 17.30 7.63 -19.67
N HIS A 170 18.33 7.88 -18.86
CA HIS A 170 19.75 7.61 -19.20
C HIS A 170 19.95 6.10 -19.40
N LYS A 171 19.46 5.26 -18.49
CA LYS A 171 19.57 3.78 -18.57
C LYS A 171 18.94 3.28 -19.87
N TYR A 172 17.76 3.79 -20.23
CA TYR A 172 17.00 3.36 -21.44
C TYR A 172 17.75 3.81 -22.70
N LEU A 173 18.20 5.07 -22.74
CA LEU A 173 18.95 5.63 -23.90
C LEU A 173 20.23 4.81 -24.14
N GLU A 174 20.85 4.30 -23.09
CA GLU A 174 22.06 3.44 -23.15
C GLU A 174 21.68 2.06 -23.70
N LYS A 175 20.65 1.42 -23.13
CA LYS A 175 20.19 0.06 -23.49
C LYS A 175 19.81 -0.01 -24.98
N GLY A 176 19.14 1.01 -25.50
CA GLY A 176 18.58 1.03 -26.87
C GLY A 176 19.26 2.05 -27.77
N LYS A 177 20.53 2.37 -27.49
CA LYS A 177 21.25 3.52 -28.10
C LYS A 177 21.37 3.34 -29.63
N GLU A 178 21.49 2.10 -30.11
CA GLU A 178 21.67 1.78 -31.56
C GLU A 178 20.48 2.32 -32.36
N THR A 179 19.26 2.24 -31.80
CA THR A 179 18.00 2.71 -32.43
C THR A 179 17.62 4.09 -31.89
N LEU A 180 17.68 4.29 -30.57
CA LEU A 180 17.18 5.50 -29.87
C LEU A 180 17.99 6.74 -30.24
N LEU A 181 19.31 6.61 -30.44
CA LEU A 181 20.21 7.77 -30.68
C LEU A 181 20.52 7.93 -32.17
N HIS A 182 19.96 7.09 -33.05
CA HIS A 182 20.15 7.18 -34.52
C HIS A 182 19.13 8.15 -35.11
N LEU A 183 19.60 9.18 -35.83
CA LEU A 183 18.77 10.10 -36.62
C LEU A 183 18.58 9.50 -38.02
N GLU A 184 17.32 9.16 -38.36
CA GLU A 184 16.95 8.64 -39.70
C GLU A 184 16.31 9.79 -40.48
N PRO A 185 17.00 10.36 -41.50
CA PRO A 185 16.46 11.49 -42.26
C PRO A 185 15.29 11.03 -43.12
N PRO A 186 14.33 11.92 -43.46
CA PRO A 186 13.21 11.55 -44.30
C PRO A 186 13.67 11.31 -45.75
N LYS A 187 13.19 10.22 -46.36
CA LYS A 187 13.18 10.04 -47.84
C LYS A 187 12.04 10.89 -48.40
N THR A 188 12.36 11.84 -49.28
CA THR A 188 11.41 12.87 -49.77
C THR A 188 11.22 12.72 -51.29
N HIS A 189 9.98 12.93 -51.75
CA HIS A 189 9.60 13.06 -53.18
C HIS A 189 8.26 13.81 -53.26
N VAL A 190 7.85 14.21 -54.46
CA VAL A 190 6.57 14.94 -54.69
C VAL A 190 5.78 14.16 -55.74
N THR A 191 4.50 13.90 -55.47
CA THR A 191 3.57 13.22 -56.42
C THR A 191 2.57 14.26 -56.93
N HIS A 192 2.05 14.05 -58.14
CA HIS A 192 1.09 14.95 -58.84
C HIS A 192 -0.22 14.18 -59.06
N HIS A 193 -1.35 14.77 -58.64
CA HIS A 193 -2.70 14.16 -58.69
C HIS A 193 -3.71 15.16 -59.24
N PRO A 194 -3.99 15.15 -60.56
CA PRO A 194 -5.07 15.97 -61.12
C PRO A 194 -6.40 15.62 -60.43
N ILE A 195 -7.11 16.64 -59.93
CA ILE A 195 -8.40 16.49 -59.18
C ILE A 195 -9.57 17.05 -60.01
N SER A 196 -9.26 17.85 -61.04
CA SER A 196 -10.26 18.48 -61.95
C SER A 196 -9.54 18.98 -63.21
N ASP A 197 -10.29 19.57 -64.14
CA ASP A 197 -9.77 20.15 -65.40
C ASP A 197 -8.79 21.28 -65.09
N HIS A 198 -9.04 22.05 -64.03
CA HIS A 198 -8.38 23.35 -63.73
C HIS A 198 -7.43 23.25 -62.53
N GLU A 199 -7.42 22.15 -61.77
CA GLU A 199 -6.60 22.02 -60.53
C GLU A 199 -5.96 20.63 -60.43
N ALA A 200 -4.76 20.59 -59.83
CA ALA A 200 -4.02 19.36 -59.48
C ALA A 200 -3.47 19.50 -58.05
N THR A 201 -3.43 18.38 -57.32
CA THR A 201 -2.83 18.30 -55.96
C THR A 201 -1.35 17.92 -56.11
N LEU A 202 -0.45 18.72 -55.54
CA LEU A 202 0.98 18.38 -55.31
C LEU A 202 1.14 17.89 -53.87
N ARG A 203 1.55 16.63 -53.71
CA ARG A 203 1.71 16.00 -52.38
C ARG A 203 3.21 15.78 -52.13
N CYS A 204 3.75 16.41 -51.07
CA CYS A 204 5.16 16.33 -50.66
C CYS A 204 5.31 15.26 -49.57
N TRP A 205 6.06 14.20 -49.87
CA TRP A 205 6.19 12.97 -49.04
C TRP A 205 7.45 13.03 -48.19
N ALA A 206 7.33 12.66 -46.91
CA ALA A 206 8.45 12.35 -45.98
C ALA A 206 8.23 10.95 -45.42
N LEU A 207 9.12 10.01 -45.72
CA LEU A 207 8.96 8.56 -45.40
C LEU A 207 10.18 8.08 -44.61
N GLY A 208 9.94 7.18 -43.64
CA GLY A 208 10.96 6.43 -42.90
C GLY A 208 11.88 7.33 -42.08
N PHE A 209 11.33 8.34 -41.40
CA PHE A 209 12.11 9.31 -40.58
C PHE A 209 11.91 9.01 -39.09
N TYR A 210 12.92 9.37 -38.30
CA TYR A 210 12.94 9.33 -36.82
C TYR A 210 13.92 10.38 -36.32
N PRO A 211 13.60 11.21 -35.31
CA PRO A 211 12.32 11.15 -34.57
C PRO A 211 11.11 11.72 -35.34
N ALA A 212 9.96 11.83 -34.66
CA ALA A 212 8.64 12.16 -35.25
C ALA A 212 8.57 13.63 -35.68
N GLU A 213 9.25 14.54 -34.97
CA GLU A 213 9.23 16.00 -35.25
CA GLU A 213 9.20 16.00 -35.26
C GLU A 213 9.73 16.24 -36.69
N ILE A 214 8.97 17.01 -37.48
CA ILE A 214 9.28 17.36 -38.89
C ILE A 214 8.42 18.55 -39.30
N THR A 215 8.94 19.41 -40.18
CA THR A 215 8.20 20.55 -40.77
C THR A 215 8.16 20.38 -42.30
N LEU A 216 6.96 20.31 -42.86
CA LEU A 216 6.68 20.30 -44.33
C LEU A 216 5.91 21.57 -44.68
N THR A 217 6.49 22.42 -45.54
CA THR A 217 5.86 23.69 -45.99
C THR A 217 5.94 23.77 -47.52
N TRP A 218 4.87 24.27 -48.14
CA TRP A 218 4.83 24.61 -49.59
C TRP A 218 5.03 26.11 -49.77
N GLN A 219 5.88 26.49 -50.72
CA GLN A 219 6.12 27.89 -51.16
C GLN A 219 5.82 27.98 -52.65
N GLN A 220 5.42 29.15 -53.13
CA GLN A 220 5.29 29.49 -54.58
C GLN A 220 6.44 30.44 -54.93
N ASP A 221 7.09 30.20 -56.07
CA ASP A 221 8.13 31.10 -56.65
C ASP A 221 7.53 32.49 -56.84
N GLY A 222 8.23 33.53 -56.37
CA GLY A 222 7.79 34.94 -56.48
C GLY A 222 6.90 35.37 -55.33
N GLU A 223 6.63 34.47 -54.37
CA GLU A 223 5.78 34.74 -53.17
CA GLU A 223 5.78 34.74 -53.17
C GLU A 223 6.55 34.32 -51.91
N GLY A 224 6.83 35.28 -51.03
CA GLY A 224 7.58 35.09 -49.77
C GLY A 224 6.81 34.22 -48.79
N HIS A 225 5.49 34.41 -48.70
CA HIS A 225 4.56 33.66 -47.80
C HIS A 225 4.46 32.19 -48.26
N THR A 226 4.18 31.29 -47.32
CA THR A 226 3.88 29.86 -47.56
C THR A 226 2.38 29.73 -47.91
N GLN A 227 2.02 28.68 -48.65
CA GLN A 227 0.65 28.49 -49.24
C GLN A 227 -0.25 27.76 -48.26
N ASP A 228 -1.57 27.80 -48.50
CA ASP A 228 -2.60 27.00 -47.77
C ASP A 228 -2.30 25.51 -48.04
N THR A 229 -2.01 24.76 -46.98
CA THR A 229 -1.46 23.37 -47.03
C THR A 229 -2.39 22.41 -46.30
N GLU A 230 -2.75 21.30 -46.94
CA GLU A 230 -3.35 20.11 -46.26
C GLU A 230 -2.20 19.26 -45.70
N LEU A 231 -2.10 19.18 -44.37
CA LEU A 231 -1.15 18.32 -43.64
C LEU A 231 -1.92 17.13 -43.06
N VAL A 232 -1.46 15.90 -43.31
CA VAL A 232 -1.96 14.69 -42.58
C VAL A 232 -1.22 14.59 -41.25
N GLU A 233 -1.89 14.04 -40.25
CA GLU A 233 -1.30 13.57 -38.97
C GLU A 233 -0.04 12.75 -39.30
N THR A 234 1.10 13.07 -38.67
CA THR A 234 2.30 12.21 -38.69
C THR A 234 1.88 10.82 -38.22
N ARG A 235 2.24 9.78 -38.97
CA ARG A 235 1.74 8.40 -38.78
C ARG A 235 2.91 7.43 -38.68
N PRO A 236 2.79 6.35 -37.87
CA PRO A 236 3.85 5.35 -37.76
C PRO A 236 3.87 4.41 -38.97
N ALA A 237 5.06 4.09 -39.46
CA ALA A 237 5.30 3.09 -40.53
C ALA A 237 5.12 1.68 -39.94
N GLY A 238 5.33 1.53 -38.64
CA GLY A 238 5.20 0.26 -37.89
C GLY A 238 6.56 -0.37 -37.59
N ASP A 239 7.63 0.15 -38.21
CA ASP A 239 9.03 -0.35 -38.04
C ASP A 239 9.81 0.58 -37.10
N GLY A 240 9.14 1.54 -36.47
CA GLY A 240 9.75 2.52 -35.55
C GLY A 240 9.97 3.87 -36.20
N THR A 241 9.87 3.96 -37.54
CA THR A 241 9.99 5.24 -38.30
C THR A 241 8.59 5.80 -38.56
N PHE A 242 8.52 7.04 -39.05
CA PHE A 242 7.25 7.80 -39.24
C PHE A 242 7.12 8.22 -40.72
N GLN A 243 5.88 8.56 -41.09
CA GLN A 243 5.50 9.06 -42.43
C GLN A 243 4.67 10.33 -42.26
N LYS A 244 4.78 11.26 -43.21
CA LYS A 244 3.94 12.47 -43.26
C LYS A 244 3.93 12.99 -44.70
N TRP A 245 2.84 13.64 -45.10
CA TRP A 245 2.79 14.43 -46.36
C TRP A 245 2.02 15.74 -46.16
N ALA A 246 2.44 16.75 -46.93
CA ALA A 246 1.79 18.07 -47.07
C ALA A 246 1.31 18.19 -48.51
N ALA A 247 0.07 18.62 -48.73
CA ALA A 247 -0.55 18.77 -50.06
C ALA A 247 -0.92 20.24 -50.29
N VAL A 248 -0.70 20.73 -51.51
CA VAL A 248 -1.13 22.08 -51.97
C VAL A 248 -1.90 21.89 -53.29
N VAL A 249 -3.10 22.47 -53.38
CA VAL A 249 -3.94 22.48 -54.60
C VAL A 249 -3.50 23.68 -55.43
N VAL A 250 -3.09 23.46 -56.69
CA VAL A 250 -2.51 24.48 -57.59
C VAL A 250 -3.24 24.43 -58.93
N PRO A 251 -3.20 25.49 -59.75
CA PRO A 251 -3.71 25.44 -61.13
C PRO A 251 -2.93 24.42 -61.98
N SER A 252 -3.64 23.58 -62.73
CA SER A 252 -3.08 22.58 -63.68
C SER A 252 -2.16 23.28 -64.67
N GLY A 253 -0.94 22.77 -64.85
CA GLY A 253 0.08 23.31 -65.75
C GLY A 253 1.07 24.23 -65.06
N GLU A 254 0.79 24.63 -63.81
CA GLU A 254 1.61 25.61 -63.04
C GLU A 254 2.33 24.91 -61.87
N GLU A 255 2.46 23.58 -61.93
CA GLU A 255 2.94 22.73 -60.80
C GLU A 255 4.42 23.02 -60.51
N GLN A 256 5.22 23.35 -61.53
CA GLN A 256 6.69 23.49 -61.42
C GLN A 256 7.09 24.83 -60.81
N ARG A 257 6.12 25.68 -60.47
CA ARG A 257 6.34 27.01 -59.83
C ARG A 257 6.36 26.87 -58.30
N TYR A 258 6.05 25.68 -57.77
CA TYR A 258 5.91 25.42 -56.32
C TYR A 258 7.12 24.61 -55.82
N THR A 259 7.53 24.89 -54.59
CA THR A 259 8.64 24.18 -53.88
C THR A 259 8.11 23.66 -52.55
N CYS A 260 8.42 22.42 -52.22
CA CYS A 260 8.25 21.83 -50.87
C CYS A 260 9.56 21.97 -50.09
N HIS A 261 9.48 22.43 -48.84
CA HIS A 261 10.65 22.63 -47.94
C HIS A 261 10.49 21.71 -46.73
N VAL A 262 11.50 20.86 -46.49
CA VAL A 262 11.50 19.78 -45.46
C VAL A 262 12.58 20.10 -44.42
N GLN A 263 12.20 20.22 -43.16
CA GLN A 263 13.11 20.41 -42.00
C GLN A 263 12.99 19.22 -41.06
N HIS A 264 14.12 18.59 -40.74
CA HIS A 264 14.23 17.41 -39.84
C HIS A 264 15.61 17.41 -39.17
N GLU A 265 15.68 17.01 -37.90
CA GLU A 265 16.93 16.97 -37.09
C GLU A 265 18.02 16.22 -37.87
N GLY A 266 17.67 15.14 -38.56
CA GLY A 266 18.58 14.27 -39.32
C GLY A 266 19.03 14.84 -40.64
N LEU A 267 18.52 16.02 -41.04
CA LEU A 267 18.97 16.74 -42.26
C LEU A 267 19.94 17.85 -41.86
N PRO A 268 21.17 17.89 -42.42
CA PRO A 268 22.16 18.91 -42.05
C PRO A 268 21.67 20.33 -42.37
N GLU A 269 20.87 20.48 -43.43
CA GLU A 269 20.18 21.75 -43.79
C GLU A 269 18.81 21.42 -44.39
N PRO A 270 17.86 22.38 -44.39
CA PRO A 270 16.54 22.16 -45.00
C PRO A 270 16.65 21.67 -46.45
N VAL A 271 15.83 20.68 -46.81
CA VAL A 271 15.74 20.11 -48.19
C VAL A 271 14.62 20.84 -48.93
N THR A 272 14.83 21.16 -50.21
CA THR A 272 13.84 21.77 -51.13
C THR A 272 13.58 20.81 -52.30
N LEU A 273 12.31 20.48 -52.54
CA LEU A 273 11.88 19.61 -53.67
C LEU A 273 10.97 20.40 -54.62
N ARG A 274 11.05 20.08 -55.91
CA ARG A 274 10.20 20.64 -56.99
C ARG A 274 9.73 19.48 -57.87
N TRP A 275 8.42 19.35 -58.10
CA TRP A 275 7.84 18.32 -59.00
C TRP A 275 8.42 18.50 -60.40
N LYS A 276 8.84 17.39 -61.02
CA LYS A 276 9.33 17.34 -62.43
C LYS A 276 8.41 16.41 -63.20
N PRO A 277 7.80 16.85 -64.32
CA PRO A 277 6.96 15.96 -65.13
C PRO A 277 7.78 14.86 -65.82
N MET B 1 -18.34 16.95 -21.27
CA MET B 1 -17.84 15.70 -21.91
C MET B 1 -17.70 15.92 -23.42
N ILE B 2 -16.47 15.84 -23.93
CA ILE B 2 -16.13 16.05 -25.37
C ILE B 2 -16.25 14.71 -26.10
N GLN B 3 -16.61 14.74 -27.38
CA GLN B 3 -16.61 13.56 -28.29
C GLN B 3 -15.98 13.98 -29.62
N ARG B 4 -14.90 13.30 -30.02
CA ARG B 4 -14.17 13.54 -31.29
C ARG B 4 -14.22 12.27 -32.13
N THR B 5 -14.47 12.43 -33.44
CA THR B 5 -14.65 11.32 -34.41
C THR B 5 -13.28 10.88 -34.90
N PRO B 6 -13.03 9.56 -35.05
CA PRO B 6 -11.74 9.07 -35.54
C PRO B 6 -11.37 9.61 -36.93
N LYS B 7 -10.14 10.12 -37.06
CA LYS B 7 -9.46 10.34 -38.37
C LYS B 7 -8.82 9.01 -38.75
N ILE B 8 -8.95 8.59 -40.01
CA ILE B 8 -8.57 7.22 -40.48
C ILE B 8 -7.62 7.35 -41.66
N GLN B 9 -6.38 6.86 -41.51
CA GLN B 9 -5.38 6.75 -42.59
C GLN B 9 -5.13 5.27 -42.87
N VAL B 10 -5.24 4.85 -44.13
CA VAL B 10 -4.94 3.47 -44.60
C VAL B 10 -3.80 3.57 -45.63
N TYR B 11 -2.70 2.86 -45.38
CA TYR B 11 -1.42 3.04 -46.11
C TYR B 11 -0.52 1.82 -45.88
N SER B 12 0.47 1.64 -46.75
CA SER B 12 1.50 0.56 -46.67
C SER B 12 2.75 1.11 -45.97
N ARG B 13 3.50 0.25 -45.29
CA ARG B 13 4.81 0.59 -44.68
C ARG B 13 5.76 1.08 -45.78
N HIS B 14 5.83 0.35 -46.90
CA HIS B 14 6.73 0.63 -48.05
C HIS B 14 5.90 0.94 -49.29
N PRO B 15 6.44 1.73 -50.26
CA PRO B 15 5.77 1.93 -51.54
C PRO B 15 5.30 0.59 -52.12
N ALA B 16 3.99 0.47 -52.38
CA ALA B 16 3.31 -0.75 -52.85
C ALA B 16 3.93 -1.22 -54.18
N GLU B 17 4.22 -2.53 -54.27
CA GLU B 17 4.56 -3.24 -55.54
C GLU B 17 3.81 -4.57 -55.54
N ASN B 18 2.95 -4.78 -56.55
CA ASN B 18 2.15 -6.03 -56.71
C ASN B 18 3.11 -7.22 -56.68
N GLY B 19 2.85 -8.18 -55.77
CA GLY B 19 3.63 -9.43 -55.65
C GLY B 19 4.73 -9.35 -54.60
N LYS B 20 5.02 -8.15 -54.09
CA LYS B 20 6.08 -7.90 -53.06
C LYS B 20 5.43 -7.77 -51.68
N SER B 21 5.86 -8.61 -50.73
CA SER B 21 5.40 -8.60 -49.32
C SER B 21 5.60 -7.21 -48.71
N ASN B 22 4.64 -6.76 -47.90
CA ASN B 22 4.56 -5.38 -47.35
C ASN B 22 3.84 -5.45 -45.99
N PHE B 23 3.50 -4.30 -45.41
CA PHE B 23 2.60 -4.19 -44.24
C PHE B 23 1.48 -3.19 -44.56
N LEU B 24 0.23 -3.59 -44.33
CA LEU B 24 -0.96 -2.70 -44.44
C LEU B 24 -1.21 -2.07 -43.07
N ASN B 25 -1.24 -0.74 -43.01
CA ASN B 25 -1.45 0.05 -41.78
C ASN B 25 -2.82 0.73 -41.85
N CYS B 26 -3.59 0.63 -40.77
CA CYS B 26 -4.74 1.52 -40.48
C CYS B 26 -4.43 2.30 -39.20
N TYR B 27 -4.17 3.60 -39.35
CA TYR B 27 -3.88 4.55 -38.25
C TYR B 27 -5.16 5.34 -37.96
N VAL B 28 -5.77 5.06 -36.80
CA VAL B 28 -6.97 5.77 -36.26
C VAL B 28 -6.47 6.72 -35.17
N SER B 29 -6.80 8.01 -35.29
CA SER B 29 -6.29 9.09 -34.41
C SER B 29 -7.36 10.16 -34.20
N GLY B 30 -7.17 11.02 -33.19
CA GLY B 30 -8.01 12.21 -32.94
C GLY B 30 -9.37 11.86 -32.37
N PHE B 31 -9.56 10.66 -31.80
CA PHE B 31 -10.88 10.18 -31.32
C PHE B 31 -10.95 10.20 -29.79
N HIS B 32 -12.19 10.33 -29.28
CA HIS B 32 -12.55 10.34 -27.84
C HIS B 32 -14.05 10.07 -27.74
N PRO B 33 -14.53 9.13 -26.90
CA PRO B 33 -13.68 8.35 -25.99
C PRO B 33 -12.87 7.23 -26.68
N SER B 34 -12.18 6.40 -25.88
CA SER B 34 -11.17 5.41 -26.34
C SER B 34 -11.83 4.20 -27.02
N ASP B 35 -13.01 3.79 -26.54
CA ASP B 35 -13.72 2.58 -27.07
C ASP B 35 -13.87 2.71 -28.59
N ILE B 36 -13.35 1.74 -29.34
CA ILE B 36 -13.34 1.76 -30.83
C ILE B 36 -13.22 0.32 -31.33
N GLU B 37 -13.93 0.00 -32.42
CA GLU B 37 -13.84 -1.29 -33.14
C GLU B 37 -13.17 -1.05 -34.49
N VAL B 38 -12.09 -1.78 -34.77
CA VAL B 38 -11.29 -1.64 -36.02
C VAL B 38 -11.05 -3.04 -36.59
N ASP B 39 -11.31 -3.21 -37.90
CA ASP B 39 -10.98 -4.42 -38.68
C ASP B 39 -10.28 -3.99 -39.98
N LEU B 40 -9.24 -4.71 -40.38
CA LEU B 40 -8.68 -4.66 -41.75
C LEU B 40 -9.45 -5.65 -42.61
N LEU B 41 -9.85 -5.25 -43.82
CA LEU B 41 -10.64 -6.08 -44.76
C LEU B 41 -9.79 -6.42 -45.99
N LYS B 42 -9.81 -7.68 -46.41
CA LYS B 42 -9.41 -8.12 -47.77
C LYS B 42 -10.69 -8.49 -48.53
N ASN B 43 -11.05 -7.70 -49.55
CA ASN B 43 -12.20 -7.96 -50.44
C ASN B 43 -13.48 -8.09 -49.60
N GLY B 44 -13.64 -7.19 -48.62
CA GLY B 44 -14.84 -7.10 -47.77
C GLY B 44 -14.82 -8.06 -46.58
N GLU B 45 -13.82 -8.95 -46.52
CA GLU B 45 -13.73 -10.03 -45.49
C GLU B 45 -12.70 -9.63 -44.42
N ARG B 46 -13.09 -9.73 -43.14
CA ARG B 46 -12.23 -9.38 -41.98
C ARG B 46 -10.96 -10.23 -42.02
N ILE B 47 -9.79 -9.58 -41.91
CA ILE B 47 -8.46 -10.24 -41.79
C ILE B 47 -8.27 -10.63 -40.31
N GLU B 48 -7.77 -11.83 -40.06
CA GLU B 48 -7.74 -12.45 -38.70
C GLU B 48 -6.39 -12.19 -38.02
N LYS B 49 -5.27 -12.32 -38.76
CA LYS B 49 -3.89 -12.16 -38.21
C LYS B 49 -3.54 -10.66 -38.11
N VAL B 50 -4.44 -9.87 -37.52
CA VAL B 50 -4.30 -8.38 -37.39
C VAL B 50 -3.82 -8.07 -35.97
N GLU B 51 -2.75 -7.27 -35.86
CA GLU B 51 -2.21 -6.77 -34.57
C GLU B 51 -2.43 -5.26 -34.48
N HIS B 52 -2.41 -4.71 -33.26
CA HIS B 52 -2.57 -3.27 -32.99
C HIS B 52 -1.56 -2.81 -31.95
N SER B 53 -1.19 -1.52 -32.00
CA SER B 53 -0.33 -0.84 -31.00
C SER B 53 -1.13 -0.67 -29.70
N ASP B 54 -0.45 -0.29 -28.62
CA ASP B 54 -1.08 -0.04 -27.29
C ASP B 54 -1.70 1.35 -27.29
N LEU B 55 -2.90 1.49 -26.70
CA LEU B 55 -3.64 2.77 -26.59
C LEU B 55 -2.74 3.85 -25.99
N SER B 56 -2.52 4.92 -26.75
CA SER B 56 -1.86 6.18 -26.30
C SER B 56 -2.73 7.35 -26.73
N PHE B 57 -2.33 8.58 -26.38
CA PHE B 57 -3.09 9.82 -26.72
C PHE B 57 -2.12 10.97 -26.97
N SER B 58 -2.61 12.02 -27.63
CA SER B 58 -1.85 13.20 -28.10
C SER B 58 -1.98 14.34 -27.09
N LYS B 59 -1.34 15.48 -27.41
CA LYS B 59 -1.36 16.76 -26.65
C LYS B 59 -2.79 17.14 -26.25
N ASP B 60 -3.77 16.95 -27.15
CA ASP B 60 -5.18 17.40 -26.98
C ASP B 60 -6.03 16.31 -26.30
N TRP B 61 -5.39 15.20 -25.88
CA TRP B 61 -5.99 14.09 -25.08
C TRP B 61 -6.69 13.06 -25.98
N SER B 62 -6.81 13.34 -27.28
CA SER B 62 -7.44 12.42 -28.27
C SER B 62 -6.54 11.19 -28.44
N PHE B 63 -7.16 10.02 -28.63
CA PHE B 63 -6.50 8.69 -28.66
C PHE B 63 -6.03 8.38 -30.08
N TYR B 64 -5.04 7.48 -30.20
CA TYR B 64 -4.52 6.96 -31.50
C TYR B 64 -4.12 5.49 -31.34
N LEU B 65 -4.42 4.69 -32.35
CA LEU B 65 -4.04 3.25 -32.45
C LEU B 65 -3.56 2.96 -33.87
N LEU B 66 -2.52 2.14 -34.01
CA LEU B 66 -2.08 1.54 -35.29
C LEU B 66 -2.54 0.08 -35.32
N TYR B 67 -3.46 -0.25 -36.23
CA TYR B 67 -3.80 -1.64 -36.62
C TYR B 67 -3.03 -1.96 -37.90
N TYR B 68 -2.44 -3.16 -37.97
CA TYR B 68 -1.56 -3.57 -39.09
C TYR B 68 -1.58 -5.09 -39.26
N THR B 69 -1.29 -5.53 -40.49
CA THR B 69 -1.07 -6.95 -40.87
C THR B 69 -0.04 -7.00 -41.99
N GLU B 70 0.73 -8.09 -42.05
CA GLU B 70 1.60 -8.42 -43.20
C GLU B 70 0.69 -8.76 -44.39
N PHE B 71 0.98 -8.25 -45.58
CA PHE B 71 0.16 -8.47 -46.79
C PHE B 71 1.03 -8.33 -48.05
N THR B 72 0.58 -8.98 -49.12
CA THR B 72 1.15 -8.90 -50.49
C THR B 72 0.11 -8.27 -51.40
N PRO B 73 0.23 -6.96 -51.74
CA PRO B 73 -0.75 -6.33 -52.62
C PRO B 73 -0.72 -6.99 -54.01
N THR B 74 -1.86 -7.01 -54.69
CA THR B 74 -2.03 -7.56 -56.07
C THR B 74 -2.88 -6.59 -56.90
N GLU B 75 -3.01 -6.88 -58.19
CA GLU B 75 -3.89 -6.17 -59.14
C GLU B 75 -5.36 -6.32 -58.73
N LYS B 76 -5.74 -7.49 -58.22
CA LYS B 76 -7.16 -7.93 -58.04
C LYS B 76 -7.69 -7.61 -56.64
N ASP B 77 -6.81 -7.56 -55.62
CA ASP B 77 -7.21 -7.49 -54.19
C ASP B 77 -7.44 -6.04 -53.77
N GLU B 78 -8.57 -5.77 -53.12
CA GLU B 78 -8.93 -4.46 -52.52
C GLU B 78 -8.81 -4.57 -51.00
N TYR B 79 -8.03 -3.69 -50.37
CA TYR B 79 -7.85 -3.61 -48.91
C TYR B 79 -8.53 -2.35 -48.38
N ALA B 80 -9.11 -2.43 -47.18
CA ALA B 80 -9.83 -1.32 -46.52
C ALA B 80 -9.69 -1.45 -44.99
N CYS B 81 -10.11 -0.41 -44.28
CA CYS B 81 -10.18 -0.34 -42.80
C CYS B 81 -11.63 -0.02 -42.40
N ARG B 82 -12.25 -0.89 -41.61
CA ARG B 82 -13.63 -0.67 -41.06
C ARG B 82 -13.50 -0.22 -39.60
N VAL B 83 -14.00 0.99 -39.30
CA VAL B 83 -13.89 1.63 -37.96
C VAL B 83 -15.32 1.93 -37.46
N ASN B 84 -15.64 1.45 -36.26
CA ASN B 84 -16.89 1.80 -35.55
C ASN B 84 -16.54 2.52 -34.24
N HIS B 85 -17.29 3.57 -33.90
CA HIS B 85 -17.06 4.50 -32.77
C HIS B 85 -18.39 5.19 -32.45
N VAL B 86 -18.60 5.55 -31.18
CA VAL B 86 -19.88 6.12 -30.66
C VAL B 86 -20.29 7.35 -31.49
N THR B 87 -19.32 8.07 -32.07
CA THR B 87 -19.55 9.30 -32.88
C THR B 87 -20.06 8.97 -34.29
N LEU B 88 -20.05 7.69 -34.70
CA LEU B 88 -20.45 7.25 -36.05
C LEU B 88 -21.81 6.53 -35.98
N SER B 89 -22.78 6.98 -36.78
CA SER B 89 -24.13 6.39 -36.92
C SER B 89 -24.02 4.96 -37.46
N GLN B 90 -23.00 4.70 -38.28
CA GLN B 90 -22.75 3.41 -38.96
C GLN B 90 -21.24 3.20 -39.09
N PRO B 91 -20.74 1.94 -39.07
CA PRO B 91 -19.32 1.68 -39.30
C PRO B 91 -18.79 2.39 -40.56
N LYS B 92 -17.63 3.04 -40.45
CA LYS B 92 -16.97 3.77 -41.58
C LYS B 92 -15.93 2.85 -42.22
N ILE B 93 -15.98 2.71 -43.55
CA ILE B 93 -15.03 1.89 -44.35
C ILE B 93 -14.17 2.86 -45.18
N VAL B 94 -12.85 2.80 -45.01
CA VAL B 94 -11.86 3.61 -45.76
C VAL B 94 -11.00 2.65 -46.57
N LYS B 95 -11.08 2.73 -47.90
CA LYS B 95 -10.33 1.85 -48.84
C LYS B 95 -8.87 2.32 -48.88
N TRP B 96 -7.95 1.37 -49.02
CA TRP B 96 -6.50 1.64 -49.22
C TRP B 96 -6.30 2.26 -50.61
N ASP B 97 -5.93 3.55 -50.64
CA ASP B 97 -5.41 4.25 -51.84
C ASP B 97 -3.89 4.30 -51.72
N ARG B 98 -3.18 3.80 -52.74
CA ARG B 98 -1.71 3.60 -52.73
C ARG B 98 -0.97 4.95 -52.76
N ASP B 99 -1.68 6.04 -53.05
CA ASP B 99 -1.11 7.41 -53.18
C ASP B 99 -1.52 8.29 -51.99
N MET B 100 -1.99 7.68 -50.90
CA MET B 100 -2.44 8.38 -49.66
C MET B 100 -1.66 7.86 -48.45
N ARG C 1 10.82 4.19 -16.07
CA ARG C 1 10.29 3.70 -14.76
C ARG C 1 9.10 4.57 -14.34
N LEU C 2 8.04 3.94 -13.85
CA LEU C 2 6.79 4.61 -13.39
C LEU C 2 7.02 5.27 -12.02
N PRO C 3 6.26 6.33 -11.69
CA PRO C 3 6.21 6.80 -10.30
C PRO C 3 5.46 5.76 -9.46
N ALA C 4 5.84 5.60 -8.20
CA ALA C 4 5.18 4.69 -7.22
C ALA C 4 3.82 5.29 -6.82
N LYS C 5 3.67 6.62 -6.88
CA LYS C 5 2.48 7.35 -6.37
C LYS C 5 1.68 7.95 -7.54
N ALA C 6 0.37 7.70 -7.55
CA ALA C 6 -0.63 8.41 -8.39
C ALA C 6 -1.31 9.47 -7.52
N PRO C 7 -1.25 10.77 -7.89
CA PRO C 7 -1.97 11.82 -7.15
C PRO C 7 -3.47 11.50 -6.93
N LEU C 8 -3.97 11.84 -5.75
CA LEU C 8 -5.40 11.69 -5.35
C LEU C 8 -6.13 12.99 -5.67
N LEU C 9 -7.06 12.96 -6.62
CA LEU C 9 -7.82 14.14 -7.11
C LEU C 9 -9.01 14.38 -6.20
N GLY C 10 -9.54 15.61 -6.18
CA GLY C 10 -10.61 16.04 -5.27
C GLY C 10 -11.44 17.17 -5.85
N CYS C 11 -12.19 17.85 -4.98
CA CYS C 11 -13.34 18.72 -5.34
C CYS C 11 -13.32 20.03 -4.54
N GLY C 12 -13.67 21.14 -5.19
CA GLY C 12 -13.89 22.46 -4.56
C GLY C 12 -12.94 23.51 -5.10
N ALA D 2 10.54 -1.88 -1.29
CA ALA D 2 9.39 -1.38 -0.47
C ALA D 2 9.90 -0.38 0.58
N GLN D 3 8.97 0.25 1.30
CA GLN D 3 9.23 1.11 2.48
C GLN D 3 9.61 0.19 3.65
N GLU D 4 10.76 0.43 4.29
CA GLU D 4 11.28 -0.40 5.42
C GLU D 4 11.48 0.50 6.65
N VAL D 5 10.83 0.14 7.77
CA VAL D 5 10.81 0.93 9.03
C VAL D 5 11.53 0.14 10.13
N THR D 6 12.56 0.73 10.73
CA THR D 6 13.37 0.15 11.84
C THR D 6 13.21 1.03 13.08
N GLN D 7 13.09 0.42 14.26
CA GLN D 7 12.98 1.13 15.57
C GLN D 7 14.09 0.61 16.50
N ILE D 8 14.95 1.52 16.97
CA ILE D 8 16.14 1.23 17.81
C ILE D 8 15.97 1.92 19.16
N PRO D 9 16.14 1.21 20.31
CA PRO D 9 16.31 -0.24 20.34
C PRO D 9 14.97 -0.99 20.43
N ALA D 10 15.00 -2.32 20.35
CA ALA D 10 13.83 -3.22 20.43
C ALA D 10 13.25 -3.19 21.85
N ALA D 11 14.11 -3.11 22.87
CA ALA D 11 13.76 -3.05 24.31
C ALA D 11 14.57 -1.94 24.99
N LEU D 12 13.93 -1.16 25.87
CA LEU D 12 14.57 -0.06 26.63
C LEU D 12 14.07 -0.09 28.08
N SER D 13 14.97 0.06 29.04
CA SER D 13 14.69 0.10 30.50
C SER D 13 15.38 1.33 31.12
N VAL D 14 14.61 2.32 31.59
CA VAL D 14 15.14 3.57 32.20
C VAL D 14 14.53 3.74 33.58
N PRO D 15 15.28 4.26 34.58
CA PRO D 15 14.70 4.68 35.85
C PRO D 15 13.76 5.87 35.65
N GLU D 16 12.62 5.90 36.35
CA GLU D 16 11.60 6.99 36.25
C GLU D 16 12.27 8.33 36.58
N GLY D 17 11.83 9.40 35.91
CA GLY D 17 12.36 10.76 36.06
C GLY D 17 13.39 11.09 34.99
N GLU D 18 13.97 10.07 34.35
CA GLU D 18 15.02 10.23 33.32
C GLU D 18 14.36 10.51 31.96
N ASN D 19 14.90 11.46 31.20
CA ASN D 19 14.57 11.68 29.77
C ASN D 19 15.02 10.44 28.98
N LEU D 20 14.28 10.07 27.94
CA LEU D 20 14.63 8.96 27.02
C LEU D 20 14.15 9.32 25.61
N VAL D 21 14.82 8.77 24.59
CA VAL D 21 14.45 8.93 23.16
C VAL D 21 14.05 7.56 22.61
N LEU D 22 12.95 7.50 21.85
CA LEU D 22 12.57 6.35 21.01
C LEU D 22 12.83 6.75 19.55
N ASN D 23 13.54 5.90 18.82
CA ASN D 23 14.07 6.20 17.46
C ASN D 23 13.26 5.44 16.41
N CYS D 24 13.04 6.10 15.26
CA CYS D 24 12.37 5.52 14.07
C CYS D 24 13.07 6.01 12.81
N SER D 25 13.58 5.09 11.99
CA SER D 25 14.22 5.36 10.67
C SER D 25 13.47 4.58 9.59
N PHE D 26 13.34 5.18 8.40
CA PHE D 26 12.61 4.60 7.24
C PHE D 26 13.42 4.88 5.97
N THR D 27 13.40 3.93 5.02
CA THR D 27 14.30 3.87 3.83
C THR D 27 13.86 4.88 2.76
N ASP D 28 12.55 5.03 2.53
CA ASP D 28 11.97 5.90 1.49
C ASP D 28 11.45 7.19 2.14
N SER D 29 12.07 8.33 1.84
CA SER D 29 11.73 9.68 2.37
C SER D 29 10.41 10.19 1.77
N ALA D 30 9.94 9.61 0.65
CA ALA D 30 8.67 9.98 -0.02
C ALA D 30 7.48 9.47 0.80
N ILE D 31 7.16 10.18 1.88
CA ILE D 31 6.02 9.84 2.81
C ILE D 31 5.09 11.05 2.89
N TYR D 32 3.82 10.82 3.19
CA TYR D 32 2.78 11.85 3.41
C TYR D 32 2.73 12.18 4.90
N ASN D 33 2.81 11.14 5.74
CA ASN D 33 2.62 11.19 7.21
C ASN D 33 3.53 10.18 7.90
N LEU D 34 4.01 10.53 9.10
CA LEU D 34 4.59 9.57 10.08
C LEU D 34 3.70 9.57 11.33
N GLN D 35 3.45 8.40 11.91
CA GLN D 35 2.53 8.26 13.07
C GLN D 35 3.20 7.40 14.15
N TRP D 36 3.13 7.88 15.40
CA TRP D 36 3.57 7.14 16.61
C TRP D 36 2.34 6.57 17.33
N PHE D 37 2.41 5.31 17.75
CA PHE D 37 1.32 4.59 18.46
C PHE D 37 1.84 4.02 19.77
N ARG D 38 0.98 3.97 20.79
CA ARG D 38 1.18 3.24 22.06
C ARG D 38 0.35 1.95 22.03
N GLN D 39 0.93 0.83 22.46
CA GLN D 39 0.23 -0.49 22.60
C GLN D 39 0.49 -1.04 24.01
N ASP D 40 -0.57 -1.14 24.83
CA ASP D 40 -0.54 -1.79 26.16
C ASP D 40 -0.72 -3.29 25.95
N PRO D 41 -0.17 -4.15 26.84
CA PRO D 41 -0.31 -5.60 26.69
C PRO D 41 -1.77 -6.07 26.50
N GLY D 42 -1.99 -6.97 25.54
CA GLY D 42 -3.30 -7.61 25.26
C GLY D 42 -4.30 -6.67 24.62
N LYS D 43 -3.88 -5.46 24.22
CA LYS D 43 -4.77 -4.41 23.63
C LYS D 43 -4.28 -4.04 22.23
N GLY D 44 -5.07 -3.22 21.53
CA GLY D 44 -4.73 -2.67 20.19
C GLY D 44 -3.86 -1.44 20.30
N LEU D 45 -3.44 -0.90 19.15
CA LEU D 45 -2.63 0.34 19.05
C LEU D 45 -3.54 1.56 19.20
N THR D 46 -3.04 2.60 19.87
CA THR D 46 -3.71 3.93 19.99
C THR D 46 -2.72 5.00 19.53
N SER D 47 -3.15 5.88 18.62
CA SER D 47 -2.31 6.94 17.98
C SER D 47 -1.95 8.01 19.01
N LEU D 48 -0.66 8.32 19.14
CA LEU D 48 -0.13 9.39 20.03
C LEU D 48 0.03 10.68 19.22
N LEU D 49 0.80 10.63 18.14
CA LEU D 49 1.22 11.80 17.32
C LEU D 49 1.15 11.46 15.83
N LEU D 50 0.60 12.38 15.03
CA LEU D 50 0.65 12.40 13.55
C LEU D 50 1.49 13.60 13.13
N ILE D 51 2.59 13.38 12.40
CA ILE D 51 3.45 14.45 11.81
C ILE D 51 3.32 14.42 10.29
N GLN D 52 2.81 15.50 9.70
CA GLN D 52 2.68 15.66 8.23
C GLN D 52 4.07 15.92 7.62
N SER D 53 4.25 15.55 6.35
CA SER D 53 5.54 15.57 5.62
C SER D 53 6.18 16.96 5.65
N SER D 54 5.36 18.02 5.70
CA SER D 54 5.79 19.45 5.70
C SER D 54 6.10 19.93 7.13
N GLN D 55 5.72 19.16 8.16
CA GLN D 55 5.93 19.51 9.60
C GLN D 55 7.26 18.89 10.09
N ARG D 56 7.83 19.48 11.14
CA ARG D 56 9.19 19.17 11.67
C ARG D 56 9.07 18.57 13.07
N GLU D 57 8.07 18.97 13.87
CA GLU D 57 7.85 18.43 15.24
C GLU D 57 6.36 18.46 15.59
N GLN D 58 5.94 17.57 16.49
CA GLN D 58 4.58 17.53 17.11
C GLN D 58 4.74 17.23 18.60
N THR D 59 4.03 17.97 19.45
CA THR D 59 4.14 17.92 20.93
C THR D 59 2.82 17.43 21.53
N SER D 60 2.90 16.59 22.57
CA SER D 60 1.76 16.11 23.40
C SER D 60 2.24 15.87 24.83
N GLY D 61 2.22 16.93 25.65
CA GLY D 61 2.67 16.90 27.06
C GLY D 61 4.16 16.67 27.15
N ARG D 62 4.58 15.50 27.67
CA ARG D 62 6.00 15.11 27.84
C ARG D 62 6.51 14.40 26.57
N LEU D 63 5.62 14.15 25.60
CA LEU D 63 5.98 13.60 24.27
C LEU D 63 6.27 14.77 23.32
N ASN D 64 7.44 14.75 22.68
CA ASN D 64 7.78 15.64 21.53
C ASN D 64 8.46 14.81 20.45
N ALA D 65 7.75 14.54 19.35
CA ALA D 65 8.27 13.83 18.16
C ALA D 65 8.80 14.86 17.16
N SER D 66 9.94 14.56 16.53
CA SER D 66 10.54 15.33 15.42
C SER D 66 10.46 14.49 14.14
N LEU D 67 10.47 15.14 12.98
CA LEU D 67 10.53 14.47 11.65
C LEU D 67 11.60 15.15 10.80
N ASP D 68 12.53 14.37 10.25
CA ASP D 68 13.50 14.79 9.21
C ASP D 68 13.34 13.82 8.02
N LYS D 69 12.55 14.22 7.01
CA LYS D 69 12.24 13.41 5.82
C LYS D 69 13.53 13.03 5.09
N SER D 70 14.33 14.04 4.74
CA SER D 70 15.57 13.91 3.93
C SER D 70 16.49 12.85 4.56
N SER D 71 16.67 12.89 5.88
CA SER D 71 17.49 11.92 6.65
C SER D 71 16.72 10.61 6.86
N GLY D 72 15.38 10.67 6.82
CA GLY D 72 14.50 9.49 6.98
C GLY D 72 14.45 9.05 8.44
N ARG D 73 14.24 10.01 9.35
CA ARG D 73 14.30 9.81 10.81
C ARG D 73 13.11 10.50 11.50
N SER D 74 12.59 9.87 12.54
CA SER D 74 11.72 10.48 13.57
C SER D 74 12.23 10.06 14.96
N THR D 75 12.26 11.00 15.90
CA THR D 75 12.65 10.77 17.31
C THR D 75 11.47 11.19 18.19
N LEU D 76 10.92 10.26 18.96
CA LEU D 76 9.94 10.54 20.04
C LEU D 76 10.71 10.75 21.35
N TYR D 77 10.73 11.98 21.85
CA TYR D 77 11.39 12.37 23.12
C TYR D 77 10.37 12.31 24.25
N ILE D 78 10.61 11.44 25.23
CA ILE D 78 9.78 11.32 26.47
C ILE D 78 10.56 11.97 27.61
N ALA D 79 10.16 13.19 28.00
CA ALA D 79 10.78 13.98 29.07
C ALA D 79 10.29 13.46 30.43
N ALA D 80 11.18 13.42 31.43
CA ALA D 80 10.88 13.05 32.83
C ALA D 80 9.94 11.84 32.86
N SER D 81 10.43 10.68 32.40
CA SER D 81 9.64 9.45 32.17
C SER D 81 9.00 8.95 33.47
N GLN D 82 7.80 8.37 33.38
CA GLN D 82 7.01 7.85 34.52
C GLN D 82 6.74 6.36 34.31
N PRO D 83 6.48 5.59 35.39
CA PRO D 83 6.12 4.18 35.27
C PRO D 83 4.96 3.93 34.29
N GLY D 84 3.98 4.82 34.26
CA GLY D 84 2.78 4.75 33.41
C GLY D 84 3.09 4.88 31.92
N ASP D 85 4.30 5.36 31.56
CA ASP D 85 4.79 5.43 30.16
C ASP D 85 5.17 4.03 29.66
N SER D 86 5.39 3.08 30.57
CA SER D 86 5.74 1.67 30.25
C SER D 86 4.70 1.09 29.29
N ALA D 87 5.14 0.74 28.07
CA ALA D 87 4.30 0.24 26.96
C ALA D 87 5.20 -0.11 25.77
N THR D 88 4.60 -0.59 24.68
CA THR D 88 5.26 -0.76 23.35
C THR D 88 4.92 0.47 22.50
N TYR D 89 5.93 1.13 21.95
CA TYR D 89 5.81 2.32 21.06
C TYR D 89 6.14 1.90 19.63
N LEU D 90 5.19 2.09 18.72
CA LEU D 90 5.31 1.67 17.30
C LEU D 90 5.29 2.91 16.40
N CYS D 91 6.16 2.90 15.40
CA CYS D 91 6.32 3.96 14.38
C CYS D 91 5.76 3.44 13.05
N ALA D 92 4.94 4.23 12.36
CA ALA D 92 4.36 3.89 11.05
C ALA D 92 4.56 5.06 10.06
N VAL D 93 4.88 4.73 8.81
CA VAL D 93 4.92 5.68 7.66
C VAL D 93 4.03 5.13 6.55
N THR D 94 3.60 6.02 5.64
CA THR D 94 2.86 5.67 4.40
C THR D 94 3.77 4.81 3.52
N ASN D 95 3.24 3.68 3.01
CA ASN D 95 3.94 2.79 2.04
C ASN D 95 4.27 3.58 0.78
N GLN D 96 4.99 2.97 -0.16
CA GLN D 96 5.49 3.64 -1.39
C GLN D 96 4.31 4.09 -2.27
N ALA D 97 3.18 3.37 -2.26
CA ALA D 97 1.97 3.66 -3.07
C ALA D 97 1.12 4.74 -2.42
N GLY D 98 1.31 5.02 -1.12
CA GLY D 98 0.51 5.99 -0.35
C GLY D 98 -0.92 5.51 -0.17
N THR D 99 -1.09 4.21 0.10
CA THR D 99 -2.39 3.49 0.17
C THR D 99 -2.58 2.80 1.53
N ALA D 100 -1.52 2.62 2.31
CA ALA D 100 -1.54 1.92 3.63
C ALA D 100 -0.34 2.34 4.46
N LEU D 101 -0.32 1.95 5.74
CA LEU D 101 0.78 2.26 6.70
C LEU D 101 1.67 1.02 6.88
N ILE D 102 2.99 1.20 6.82
CA ILE D 102 4.01 0.17 7.16
C ILE D 102 4.56 0.48 8.55
N PHE D 103 4.63 -0.54 9.42
CA PHE D 103 5.03 -0.40 10.84
C PHE D 103 6.45 -0.95 11.04
N GLY D 104 7.24 -0.25 11.85
CA GLY D 104 8.43 -0.79 12.52
C GLY D 104 8.01 -1.83 13.56
N LYS D 105 8.96 -2.62 14.05
CA LYS D 105 8.70 -3.77 14.96
C LYS D 105 8.43 -3.26 16.38
N GLY D 106 8.57 -1.95 16.62
CA GLY D 106 8.24 -1.29 17.90
C GLY D 106 9.39 -1.33 18.89
N THR D 107 9.36 -0.44 19.88
CA THR D 107 10.26 -0.43 21.06
C THR D 107 9.42 -0.70 22.32
N THR D 108 9.73 -1.76 23.05
CA THR D 108 9.13 -2.04 24.38
C THR D 108 9.87 -1.21 25.42
N LEU D 109 9.18 -0.22 26.01
CA LEU D 109 9.74 0.69 27.04
C LEU D 109 9.27 0.22 28.42
N SER D 110 10.22 0.05 29.35
CA SER D 110 9.96 -0.24 30.78
C SER D 110 10.59 0.87 31.64
N VAL D 111 9.76 1.77 32.16
CA VAL D 111 10.19 2.84 33.12
C VAL D 111 10.06 2.26 34.54
N SER D 112 11.18 1.83 35.13
CA SER D 112 11.24 1.13 36.43
C SER D 112 10.88 2.09 37.56
N SER D 113 9.97 1.69 38.45
CA SER D 113 9.51 2.46 39.62
C SER D 113 10.65 2.57 40.65
N ASN D 114 10.87 3.77 41.20
CA ASN D 114 11.91 4.03 42.23
C ASN D 114 11.39 3.53 43.58
N ILE D 115 11.98 2.45 44.10
CA ILE D 115 11.69 1.91 45.46
C ILE D 115 12.59 2.68 46.44
N GLN D 116 12.02 3.65 47.16
CA GLN D 116 12.76 4.67 47.95
C GLN D 116 13.46 3.98 49.14
N ASN D 117 12.76 3.09 49.84
CA ASN D 117 13.29 2.33 51.01
C ASN D 117 13.05 0.85 50.81
N PRO D 118 13.88 0.16 49.97
CA PRO D 118 13.73 -1.28 49.73
C PRO D 118 13.90 -2.08 51.03
N ASP D 119 13.19 -3.21 51.14
CA ASP D 119 13.17 -4.08 52.34
C ASP D 119 13.04 -5.53 51.88
N PRO D 120 14.01 -6.06 51.10
CA PRO D 120 13.88 -7.39 50.50
C PRO D 120 13.65 -8.48 51.56
N ALA D 121 12.61 -9.31 51.34
CA ALA D 121 12.23 -10.45 52.20
C ALA D 121 11.60 -11.55 51.33
N VAL D 122 11.70 -12.80 51.79
CA VAL D 122 10.99 -13.98 51.21
C VAL D 122 9.98 -14.48 52.25
N TYR D 123 8.78 -14.84 51.79
CA TYR D 123 7.65 -15.31 52.64
C TYR D 123 7.06 -16.58 52.03
N GLN D 124 6.40 -17.40 52.85
CA GLN D 124 5.67 -18.62 52.42
C GLN D 124 4.17 -18.39 52.61
N LEU D 125 3.38 -18.62 51.55
CA LEU D 125 1.91 -18.40 51.50
C LEU D 125 1.21 -19.75 51.31
N ARG D 126 0.23 -20.06 52.15
CA ARG D 126 -0.53 -21.35 52.13
C ARG D 126 -1.79 -21.20 51.29
N ASP D 127 -2.16 -22.25 50.54
CA ASP D 127 -3.41 -22.32 49.73
C ASP D 127 -4.61 -22.14 50.67
N SER D 128 -5.57 -21.29 50.29
CA SER D 128 -6.79 -20.96 51.07
C SER D 128 -7.70 -22.20 51.19
N LYS D 129 -7.64 -23.10 50.21
CA LYS D 129 -8.50 -24.31 50.12
C LYS D 129 -7.88 -25.46 50.94
N SER D 130 -6.62 -25.80 50.67
CA SER D 130 -5.91 -26.97 51.24
C SER D 130 -4.55 -26.57 51.82
N SER D 131 -4.21 -27.12 53.00
CA SER D 131 -2.85 -27.05 53.59
C SER D 131 -1.92 -28.02 52.85
N ASP D 132 -0.62 -27.93 53.11
CA ASP D 132 0.43 -28.75 52.44
C ASP D 132 0.42 -28.45 50.94
N LYS D 133 0.07 -27.20 50.58
CA LYS D 133 0.03 -26.66 49.19
C LYS D 133 0.31 -25.16 49.31
N SER D 134 1.51 -24.72 48.90
CA SER D 134 2.05 -23.37 49.21
C SER D 134 2.87 -22.81 48.05
N VAL D 135 3.12 -21.50 48.08
CA VAL D 135 3.98 -20.76 47.13
C VAL D 135 4.93 -19.85 47.93
N CYS D 136 6.07 -19.48 47.34
CA CYS D 136 7.09 -18.57 47.91
C CYS D 136 6.98 -17.19 47.25
N LEU D 137 7.04 -16.13 48.05
CA LEU D 137 6.93 -14.71 47.59
C LEU D 137 8.20 -13.96 47.99
N PHE D 138 9.01 -13.58 47.00
CA PHE D 138 10.14 -12.62 47.12
C PHE D 138 9.56 -11.23 46.79
N THR D 139 9.65 -10.28 47.74
CA THR D 139 8.93 -8.97 47.68
C THR D 139 9.77 -7.85 48.28
N ASP D 140 9.42 -6.61 47.96
CA ASP D 140 9.95 -5.34 48.56
C ASP D 140 11.43 -5.18 48.22
N PHE D 141 11.88 -5.76 47.11
CA PHE D 141 13.28 -5.65 46.61
C PHE D 141 13.40 -4.43 45.68
N ASP D 142 14.63 -4.00 45.43
CA ASP D 142 15.00 -2.86 44.54
C ASP D 142 14.50 -3.17 43.12
N SER D 143 14.13 -2.15 42.35
CA SER D 143 13.66 -2.29 40.94
C SER D 143 14.84 -2.69 40.02
N GLN D 144 16.08 -2.51 40.48
CA GLN D 144 17.32 -2.79 39.71
C GLN D 144 17.79 -4.23 39.95
N THR D 145 17.13 -4.98 40.83
CA THR D 145 17.48 -6.38 41.18
C THR D 145 16.74 -7.33 40.24
N ASN D 146 17.50 -8.09 39.42
CA ASN D 146 16.96 -9.04 38.40
C ASN D 146 16.60 -10.36 39.08
N VAL D 147 15.44 -10.93 38.74
CA VAL D 147 14.98 -12.27 39.23
C VAL D 147 15.69 -13.35 38.40
N SER D 148 16.42 -14.25 39.08
CA SER D 148 17.21 -15.34 38.45
C SER D 148 16.29 -16.49 38.03
N GLN D 149 16.59 -17.14 36.90
CA GLN D 149 15.95 -18.39 36.43
C GLN D 149 16.24 -19.50 37.44
N SER D 150 15.35 -20.48 37.56
CA SER D 150 15.33 -21.52 38.62
C SER D 150 16.58 -22.40 38.54
N LYS D 151 16.81 -23.05 37.39
CA LYS D 151 17.95 -23.97 37.13
C LYS D 151 17.74 -25.27 37.90
N ASP D 152 16.49 -25.68 38.11
CA ASP D 152 16.09 -26.94 38.79
C ASP D 152 15.16 -27.76 37.89
N SER D 153 14.17 -27.11 37.26
CA SER D 153 13.20 -27.68 36.28
C SER D 153 11.99 -28.30 37.01
N ASP D 154 12.11 -28.60 38.30
CA ASP D 154 10.97 -28.98 39.19
C ASP D 154 10.59 -27.78 40.07
N VAL D 155 11.37 -26.70 40.02
CA VAL D 155 11.09 -25.40 40.71
C VAL D 155 10.82 -24.34 39.64
N TYR D 156 9.65 -23.72 39.68
CA TYR D 156 9.23 -22.61 38.77
C TYR D 156 9.40 -21.28 39.50
N ILE D 157 9.99 -20.28 38.82
CA ILE D 157 10.18 -18.89 39.34
C ILE D 157 9.66 -17.91 38.29
N THR D 158 8.76 -17.02 38.69
CA THR D 158 8.14 -15.98 37.82
C THR D 158 9.12 -14.81 37.68
N ASP D 159 8.92 -13.97 36.67
CA ASP D 159 9.59 -12.64 36.55
C ASP D 159 8.93 -11.69 37.56
N LYS D 160 9.57 -10.57 37.86
CA LYS D 160 9.05 -9.55 38.80
C LYS D 160 7.96 -8.73 38.10
N CYS D 161 6.97 -8.25 38.85
CA CYS D 161 6.05 -7.14 38.47
C CYS D 161 5.90 -6.18 39.66
N VAL D 162 5.64 -4.90 39.37
CA VAL D 162 5.42 -3.83 40.38
C VAL D 162 3.91 -3.61 40.52
N LEU D 163 3.40 -3.55 41.75
CA LEU D 163 1.99 -3.18 42.06
C LEU D 163 1.99 -1.85 42.83
N ASP D 164 0.91 -1.08 42.69
CA ASP D 164 0.77 0.30 43.23
C ASP D 164 -0.37 0.32 44.25
N MET D 165 -0.05 0.34 45.54
CA MET D 165 -1.02 0.57 46.64
C MET D 165 -1.21 2.09 46.77
N ARG D 166 -2.00 2.67 45.85
CA ARG D 166 -2.24 4.14 45.72
C ARG D 166 -2.80 4.69 47.04
N SER D 167 -3.61 3.91 47.75
CA SER D 167 -4.25 4.28 49.04
C SER D 167 -3.17 4.67 50.07
N MET D 168 -1.98 4.06 50.00
CA MET D 168 -0.85 4.30 50.94
C MET D 168 0.35 4.88 50.18
N ASP D 169 0.12 5.46 49.00
CA ASP D 169 1.17 5.98 48.07
C ASP D 169 2.41 5.09 48.19
N PHE D 170 2.25 3.79 47.90
CA PHE D 170 3.27 2.74 48.13
C PHE D 170 3.33 1.81 46.92
N LYS D 171 4.53 1.64 46.36
CA LYS D 171 4.84 0.67 45.27
C LYS D 171 5.73 -0.44 45.83
N SER D 172 5.57 -1.67 45.33
CA SER D 172 6.37 -2.86 45.73
C SER D 172 6.53 -3.80 44.53
N ASN D 173 7.77 -4.23 44.26
CA ASN D 173 8.09 -5.33 43.32
C ASN D 173 7.84 -6.65 44.03
N SER D 174 7.47 -7.70 43.28
CA SER D 174 7.30 -9.07 43.80
C SER D 174 7.57 -10.09 42.69
N ALA D 175 8.02 -11.29 43.06
CA ALA D 175 8.13 -12.48 42.19
C ALA D 175 7.68 -13.70 43.00
N VAL D 176 7.15 -14.72 42.30
CA VAL D 176 6.61 -15.96 42.92
C VAL D 176 7.50 -17.14 42.51
N ALA D 177 7.61 -18.13 43.39
CA ALA D 177 8.29 -19.43 43.16
C ALA D 177 7.44 -20.55 43.77
N TRP D 178 7.42 -21.72 43.14
CA TRP D 178 6.72 -22.94 43.65
C TRP D 178 7.34 -24.20 43.06
N SER D 179 6.96 -25.36 43.61
CA SER D 179 7.39 -26.72 43.18
C SER D 179 6.36 -27.75 43.65
N ASN D 180 6.45 -28.98 43.13
CA ASN D 180 5.57 -30.12 43.50
C ASN D 180 6.34 -31.09 44.41
N LYS D 181 7.55 -30.70 44.83
CA LYS D 181 8.43 -31.48 45.74
C LYS D 181 8.39 -30.83 47.13
N SER D 182 8.46 -31.64 48.19
CA SER D 182 8.45 -31.21 49.62
C SER D 182 9.88 -31.03 50.15
N ASP D 183 10.90 -31.38 49.34
CA ASP D 183 12.34 -31.12 49.64
C ASP D 183 12.72 -29.75 49.05
N PHE D 184 11.96 -28.71 49.40
CA PHE D 184 12.06 -27.34 48.86
C PHE D 184 11.50 -26.34 49.87
N ALA D 185 12.38 -25.49 50.43
CA ALA D 185 12.04 -24.35 51.32
C ALA D 185 12.20 -23.04 50.54
N CYS D 186 11.47 -22.00 50.94
CA CYS D 186 11.42 -20.69 50.26
C CYS D 186 12.75 -19.94 50.45
N ALA D 187 13.44 -20.20 51.58
CA ALA D 187 14.82 -19.73 51.85
C ALA D 187 15.74 -20.18 50.71
N ASN D 188 16.52 -19.25 50.15
CA ASN D 188 17.48 -19.45 49.04
C ASN D 188 16.83 -20.19 47.86
N ALA D 189 15.50 -20.12 47.72
CA ALA D 189 14.76 -20.56 46.51
C ALA D 189 15.05 -19.55 45.39
N PHE D 190 15.27 -18.28 45.76
CA PHE D 190 15.71 -17.17 44.88
C PHE D 190 17.23 -16.99 45.03
N ASN D 191 17.92 -16.68 43.92
CA ASN D 191 19.38 -16.47 43.87
C ASN D 191 19.68 -15.31 42.90
N ASN E 1 -20.18 6.59 17.94
CA ASN E 1 -19.39 5.64 17.11
C ASN E 1 -18.66 4.64 18.02
N ALA E 2 -18.77 3.34 17.70
CA ALA E 2 -18.08 2.23 18.39
C ALA E 2 -16.60 2.19 17.96
N GLY E 3 -16.26 2.80 16.82
CA GLY E 3 -14.92 2.74 16.22
C GLY E 3 -14.71 1.44 15.47
N VAL E 4 -13.55 0.79 15.65
CA VAL E 4 -13.21 -0.51 14.99
C VAL E 4 -13.57 -1.65 15.95
N THR E 5 -14.51 -2.52 15.54
CA THR E 5 -14.94 -3.72 16.30
C THR E 5 -14.38 -4.97 15.62
N GLN E 6 -13.92 -5.95 16.40
CA GLN E 6 -13.38 -7.24 15.92
C GLN E 6 -14.03 -8.40 16.68
N THR E 7 -14.46 -9.44 15.98
CA THR E 7 -14.91 -10.74 16.58
C THR E 7 -14.26 -11.87 15.79
N PRO E 8 -13.88 -13.00 16.44
CA PRO E 8 -13.90 -13.12 17.90
C PRO E 8 -12.66 -12.47 18.54
N LYS E 9 -12.57 -12.46 19.88
CA LYS E 9 -11.39 -11.95 20.61
C LYS E 9 -10.32 -13.04 20.68
N PHE E 10 -10.74 -14.29 20.88
CA PHE E 10 -9.87 -15.50 20.92
C PHE E 10 -10.48 -16.60 20.04
N GLN E 11 -9.62 -17.45 19.44
CA GLN E 11 -10.07 -18.59 18.61
C GLN E 11 -8.97 -19.66 18.58
N VAL E 12 -9.37 -20.93 18.77
CA VAL E 12 -8.53 -22.14 18.48
C VAL E 12 -9.03 -22.73 17.15
N LEU E 13 -8.10 -23.14 16.29
CA LEU E 13 -8.38 -23.80 14.99
C LEU E 13 -7.58 -25.09 14.88
N LYS E 14 -8.18 -26.12 14.29
CA LYS E 14 -7.46 -27.33 13.81
C LYS E 14 -6.82 -27.00 12.46
N THR E 15 -5.60 -27.47 12.23
CA THR E 15 -4.89 -27.34 10.92
C THR E 15 -5.86 -27.81 9.82
N GLY E 16 -6.11 -26.95 8.81
CA GLY E 16 -6.95 -27.27 7.64
C GLY E 16 -8.33 -26.60 7.71
N GLN E 17 -8.76 -26.17 8.90
CA GLN E 17 -10.07 -25.49 9.09
C GLN E 17 -10.05 -24.11 8.43
N SER E 18 -11.21 -23.65 7.97
CA SER E 18 -11.46 -22.28 7.47
C SER E 18 -11.95 -21.41 8.64
N MET E 19 -11.78 -20.09 8.52
CA MET E 19 -12.08 -19.12 9.60
C MET E 19 -12.15 -17.71 9.01
N THR E 20 -13.25 -17.00 9.27
CA THR E 20 -13.43 -15.56 8.93
C THR E 20 -13.28 -14.74 10.22
N LEU E 21 -12.23 -13.91 10.31
CA LEU E 21 -12.11 -12.86 11.36
C LEU E 21 -12.96 -11.67 10.91
N GLN E 22 -13.97 -11.31 11.70
CA GLN E 22 -14.89 -10.19 11.39
C GLN E 22 -14.25 -8.88 11.81
N CYS E 23 -14.33 -7.86 10.95
CA CYS E 23 -13.98 -6.45 11.27
C CYS E 23 -15.03 -5.51 10.69
N SER E 24 -15.46 -4.53 11.48
CA SER E 24 -16.39 -3.45 11.07
C SER E 24 -15.98 -2.14 11.72
N GLN E 25 -16.31 -1.02 11.08
CA GLN E 25 -16.16 0.35 11.63
C GLN E 25 -17.36 1.19 11.17
N ASP E 26 -17.83 2.08 12.03
CA ASP E 26 -19.06 2.90 11.83
C ASP E 26 -18.65 4.38 11.71
N MET E 27 -17.47 4.63 11.13
CA MET E 27 -16.88 5.99 10.98
C MET E 27 -16.88 6.41 9.50
N ASN E 28 -17.40 5.56 8.61
CA ASN E 28 -17.57 5.83 7.16
C ASN E 28 -16.20 5.91 6.48
N HIS E 29 -15.17 5.27 7.06
CA HIS E 29 -13.76 5.33 6.57
C HIS E 29 -13.63 4.51 5.28
N GLU E 30 -12.95 5.09 4.28
CA GLU E 30 -12.63 4.41 2.99
C GLU E 30 -11.47 3.42 3.20
N TYR E 31 -10.48 3.80 4.02
CA TYR E 31 -9.20 3.07 4.19
C TYR E 31 -9.32 2.11 5.37
N MET E 32 -9.10 0.82 5.11
CA MET E 32 -9.09 -0.27 6.11
C MET E 32 -7.94 -1.23 5.78
N SER E 33 -7.42 -1.93 6.77
CA SER E 33 -6.21 -2.78 6.65
C SER E 33 -6.19 -3.86 7.73
N TRP E 34 -5.55 -4.99 7.41
CA TRP E 34 -5.32 -6.16 8.32
C TRP E 34 -3.82 -6.31 8.56
N TYR E 35 -3.43 -6.43 9.84
CA TYR E 35 -2.05 -6.74 10.28
C TYR E 35 -2.06 -8.00 11.14
N ARG E 36 -0.95 -8.72 11.16
CA ARG E 36 -0.64 -9.78 12.16
C ARG E 36 0.54 -9.30 13.00
N GLN E 37 0.49 -9.54 14.32
CA GLN E 37 1.59 -9.19 15.25
C GLN E 37 2.17 -10.48 15.84
N ASP E 38 3.49 -10.66 15.68
CA ASP E 38 4.25 -11.84 16.16
C ASP E 38 5.49 -11.35 16.90
N PRO E 39 5.93 -12.04 17.98
CA PRO E 39 7.13 -11.64 18.71
C PRO E 39 8.37 -11.53 17.80
N GLY E 40 9.09 -10.40 17.88
CA GLY E 40 10.33 -10.15 17.14
C GLY E 40 10.11 -10.00 15.64
N MET E 41 8.85 -9.89 15.20
CA MET E 41 8.44 -9.71 13.77
C MET E 41 7.69 -8.37 13.60
N GLY E 42 7.12 -7.84 14.69
CA GLY E 42 6.38 -6.56 14.69
C GLY E 42 4.99 -6.70 14.10
N LEU E 43 4.44 -5.61 13.57
CA LEU E 43 3.08 -5.51 12.98
C LEU E 43 3.20 -5.50 11.44
N ARG E 44 2.82 -6.61 10.79
CA ARG E 44 3.00 -6.83 9.33
C ARG E 44 1.64 -6.73 8.61
N LEU E 45 1.60 -5.98 7.50
CA LEU E 45 0.39 -5.74 6.67
C LEU E 45 0.07 -6.99 5.86
N ILE E 46 -1.15 -7.53 6.00
CA ILE E 46 -1.62 -8.75 5.27
C ILE E 46 -2.28 -8.29 3.96
N HIS E 47 -3.41 -7.61 4.06
CA HIS E 47 -4.19 -7.01 2.93
C HIS E 47 -4.68 -5.62 3.35
N TYR E 48 -5.01 -4.76 2.39
CA TYR E 48 -5.56 -3.40 2.63
C TYR E 48 -6.60 -3.05 1.56
N SER E 49 -7.45 -2.08 1.88
CA SER E 49 -8.53 -1.55 1.00
C SER E 49 -8.48 -0.02 1.01
N VAL E 50 -8.65 0.62 -0.15
CA VAL E 50 -8.68 2.10 -0.33
C VAL E 50 -10.11 2.54 -0.65
N GLY E 51 -11.09 1.63 -0.53
CA GLY E 51 -12.52 1.91 -0.74
C GLY E 51 -13.33 0.64 -0.93
N ALA E 52 -14.66 0.76 -0.87
CA ALA E 52 -15.62 -0.32 -1.17
C ALA E 52 -15.29 -0.93 -2.53
N GLY E 53 -15.13 -2.26 -2.59
CA GLY E 53 -14.90 -3.02 -3.84
C GLY E 53 -13.44 -3.02 -4.28
N ILE E 54 -12.54 -2.39 -3.51
CA ILE E 54 -11.10 -2.22 -3.87
C ILE E 54 -10.23 -2.82 -2.74
N THR E 55 -9.46 -3.87 -3.05
CA THR E 55 -8.52 -4.54 -2.12
C THR E 55 -7.20 -4.82 -2.86
N ASP E 56 -6.11 -4.97 -2.10
CA ASP E 56 -4.74 -5.21 -2.60
C ASP E 56 -3.95 -6.02 -1.56
N GLN E 57 -2.88 -6.69 -2.00
CA GLN E 57 -1.99 -7.49 -1.12
C GLN E 57 -1.05 -6.57 -0.34
N GLY E 58 -0.72 -6.94 0.90
CA GLY E 58 0.23 -6.23 1.77
C GLY E 58 1.60 -6.89 1.74
N GLU E 59 2.28 -6.92 2.88
CA GLU E 59 3.63 -7.53 3.05
C GLU E 59 3.52 -9.05 3.05
N VAL E 60 2.47 -9.61 3.67
CA VAL E 60 2.33 -11.07 3.93
C VAL E 60 0.91 -11.54 3.60
N PRO E 61 0.49 -11.47 2.31
CA PRO E 61 -0.86 -11.85 1.91
C PRO E 61 -1.16 -13.36 1.85
N ASN E 62 -0.14 -14.19 1.61
CA ASN E 62 -0.28 -15.65 1.31
C ASN E 62 -0.98 -16.36 2.47
N GLY E 63 -2.04 -17.11 2.16
CA GLY E 63 -2.83 -17.90 3.13
C GLY E 63 -4.13 -17.21 3.52
N TYR E 64 -4.28 -15.91 3.19
CA TYR E 64 -5.42 -15.06 3.63
C TYR E 64 -6.15 -14.48 2.40
N ASN E 65 -7.47 -14.33 2.51
CA ASN E 65 -8.34 -13.58 1.57
C ASN E 65 -9.08 -12.48 2.34
N VAL E 66 -9.43 -11.39 1.65
CA VAL E 66 -10.32 -10.31 2.17
C VAL E 66 -11.38 -10.00 1.11
N SER E 67 -12.49 -9.41 1.53
CA SER E 67 -13.53 -8.79 0.66
C SER E 67 -13.95 -7.45 1.27
N ARG E 68 -14.39 -6.51 0.43
CA ARG E 68 -14.86 -5.18 0.87
C ARG E 68 -16.09 -4.81 0.01
N SER E 69 -17.19 -5.53 0.20
CA SER E 69 -18.47 -5.32 -0.52
C SER E 69 -19.17 -4.07 0.02
N THR E 70 -18.87 -3.67 1.26
CA THR E 70 -19.40 -2.45 1.92
C THR E 70 -18.25 -1.65 2.57
N THR E 71 -18.52 -0.39 2.89
CA THR E 71 -17.61 0.54 3.62
C THR E 71 -17.38 0.01 5.05
N GLU E 72 -18.41 -0.57 5.67
CA GLU E 72 -18.46 -0.88 7.12
C GLU E 72 -17.59 -2.11 7.41
N ASP E 73 -17.62 -3.11 6.52
CA ASP E 73 -17.10 -4.49 6.81
C ASP E 73 -15.86 -4.77 5.95
N PHE E 74 -14.85 -5.39 6.56
CA PHE E 74 -13.60 -5.88 5.91
C PHE E 74 -13.22 -7.21 6.52
N PRO E 75 -13.94 -8.31 6.19
CA PRO E 75 -13.63 -9.63 6.73
C PRO E 75 -12.33 -10.25 6.19
N LEU E 76 -11.59 -10.94 7.05
CA LEU E 76 -10.34 -11.68 6.74
C LEU E 76 -10.61 -13.19 6.85
N ARG E 77 -10.42 -13.94 5.77
CA ARG E 77 -10.64 -15.40 5.72
C ARG E 77 -9.29 -16.12 5.66
N LEU E 78 -9.02 -17.00 6.63
CA LEU E 78 -7.99 -18.06 6.54
C LEU E 78 -8.60 -19.25 5.80
N LEU E 79 -8.15 -19.54 4.57
CA LEU E 79 -8.74 -20.57 3.69
C LEU E 79 -8.46 -21.97 4.26
N SER E 80 -7.25 -22.17 4.79
CA SER E 80 -6.76 -23.48 5.31
C SER E 80 -5.74 -23.22 6.43
N ALA E 81 -6.23 -23.15 7.67
CA ALA E 81 -5.45 -22.78 8.89
C ALA E 81 -4.17 -23.63 8.98
N ALA E 82 -3.04 -22.98 9.22
CA ALA E 82 -1.72 -23.59 9.47
C ALA E 82 -1.13 -23.05 10.77
N PRO E 83 -0.28 -23.83 11.48
CA PRO E 83 0.37 -23.34 12.70
C PRO E 83 1.08 -21.99 12.54
N SER E 84 1.66 -21.72 11.36
CA SER E 84 2.39 -20.47 11.04
C SER E 84 1.45 -19.25 11.08
N GLN E 85 0.13 -19.47 11.07
CA GLN E 85 -0.90 -18.41 11.11
C GLN E 85 -1.34 -18.14 12.56
N THR E 86 -0.77 -18.85 13.54
CA THR E 86 -0.89 -18.51 14.98
C THR E 86 -0.29 -17.11 15.18
N SER E 87 -1.10 -16.16 15.64
CA SER E 87 -0.75 -14.73 15.75
C SER E 87 -1.87 -13.94 16.41
N VAL E 88 -1.65 -12.64 16.62
CA VAL E 88 -2.68 -11.65 17.01
C VAL E 88 -3.00 -10.82 15.76
N TYR E 89 -4.27 -10.78 15.36
CA TYR E 89 -4.76 -10.14 14.11
C TYR E 89 -5.47 -8.83 14.46
N PHE E 90 -4.94 -7.71 13.96
CA PHE E 90 -5.49 -6.35 14.16
C PHE E 90 -6.06 -5.83 12.85
N CYS E 91 -7.31 -5.38 12.89
CA CYS E 91 -7.99 -4.62 11.83
C CYS E 91 -7.87 -3.13 12.15
N ALA E 92 -7.58 -2.31 11.14
CA ALA E 92 -7.39 -0.85 11.28
C ALA E 92 -8.18 -0.12 10.19
N SER E 93 -8.62 1.10 10.46
CA SER E 93 -9.27 2.03 9.50
C SER E 93 -8.77 3.45 9.73
N SER E 94 -8.89 4.30 8.71
CA SER E 94 -8.58 5.75 8.78
C SER E 94 -9.44 6.50 7.75
N TYR E 95 -9.75 7.76 8.04
CA TYR E 95 -10.46 8.70 7.14
C TYR E 95 -9.63 8.90 5.86
N SER E 96 -8.30 8.93 5.99
CA SER E 96 -7.34 9.05 4.88
C SER E 96 -5.97 8.48 5.26
N ILE E 97 -5.11 8.33 4.25
CA ILE E 97 -3.70 7.87 4.40
C ILE E 97 -2.76 9.07 4.18
N ARG E 98 -3.10 9.96 3.25
CA ARG E 98 -2.22 11.05 2.74
C ARG E 98 -2.62 12.42 3.32
N GLY E 99 -3.75 12.51 4.01
CA GLY E 99 -4.32 13.78 4.49
C GLY E 99 -3.88 14.12 5.90
N SER E 100 -4.23 15.32 6.38
CA SER E 100 -4.00 15.77 7.78
C SER E 100 -4.84 14.89 8.73
N ARG E 101 -6.10 14.63 8.38
CA ARG E 101 -6.98 13.63 9.05
C ARG E 101 -6.47 12.22 8.71
N GLY E 102 -5.33 11.82 9.29
CA GLY E 102 -4.62 10.58 8.96
C GLY E 102 -4.56 9.60 10.12
N GLU E 103 -5.21 9.91 11.25
CA GLU E 103 -5.22 9.06 12.48
C GLU E 103 -5.72 7.66 12.10
N GLN E 104 -4.96 6.61 12.43
CA GLN E 104 -5.35 5.20 12.23
C GLN E 104 -5.95 4.64 13.53
N PHE E 105 -7.17 4.11 13.45
CA PHE E 105 -7.91 3.48 14.57
C PHE E 105 -7.81 1.96 14.43
N PHE E 106 -7.42 1.27 15.50
CA PHE E 106 -7.25 -0.20 15.56
C PHE E 106 -8.42 -0.82 16.31
N GLY E 107 -8.78 -2.05 15.94
CA GLY E 107 -9.68 -2.92 16.72
C GLY E 107 -8.93 -3.53 17.89
N PRO E 108 -9.64 -4.21 18.83
CA PRO E 108 -9.00 -4.78 20.02
C PRO E 108 -8.12 -6.00 19.71
N GLY E 109 -8.24 -6.56 18.50
CA GLY E 109 -7.42 -7.67 18.01
C GLY E 109 -8.10 -9.01 18.23
N THR E 110 -7.67 -10.02 17.48
CA THR E 110 -8.11 -11.43 17.59
C THR E 110 -6.87 -12.31 17.81
N ARG E 111 -6.76 -12.94 18.98
CA ARG E 111 -5.70 -13.94 19.27
C ARG E 111 -6.14 -15.28 18.66
N LEU E 112 -5.41 -15.74 17.64
CA LEU E 112 -5.67 -17.01 16.92
C LEU E 112 -4.54 -18.00 17.23
N THR E 113 -4.88 -19.23 17.59
CA THR E 113 -3.92 -20.36 17.76
C THR E 113 -4.39 -21.53 16.90
N VAL E 114 -3.56 -21.95 15.94
CA VAL E 114 -3.82 -23.12 15.04
C VAL E 114 -3.00 -24.31 15.57
N LEU E 115 -3.67 -25.43 15.84
CA LEU E 115 -3.07 -26.65 16.44
C LEU E 115 -3.23 -27.83 15.48
N GLU E 116 -2.21 -28.69 15.41
CA GLU E 116 -2.27 -29.99 14.68
C GLU E 116 -3.40 -30.82 15.28
N ASP E 117 -3.50 -30.83 16.61
CA ASP E 117 -4.47 -31.65 17.40
C ASP E 117 -5.00 -30.80 18.57
N LEU E 118 -6.31 -30.87 18.82
CA LEU E 118 -6.99 -30.17 19.95
C LEU E 118 -6.82 -30.98 21.25
N LYS E 119 -6.27 -32.20 21.15
CA LYS E 119 -5.91 -33.10 22.30
C LYS E 119 -5.22 -32.31 23.42
N ASN E 120 -4.36 -31.36 23.04
CA ASN E 120 -3.39 -30.66 23.95
C ASN E 120 -4.10 -29.55 24.74
N VAL E 121 -5.35 -29.23 24.41
CA VAL E 121 -6.10 -28.06 24.98
C VAL E 121 -6.62 -28.42 26.37
N PHE E 122 -6.23 -27.64 27.39
CA PHE E 122 -6.65 -27.79 28.81
C PHE E 122 -7.01 -26.43 29.39
N PRO E 123 -8.08 -26.34 30.22
CA PRO E 123 -8.38 -25.12 30.96
C PRO E 123 -7.45 -25.00 32.16
N PRO E 124 -7.33 -23.81 32.79
CA PRO E 124 -6.49 -23.65 33.97
C PRO E 124 -7.10 -24.27 35.24
N GLU E 125 -6.22 -24.69 36.16
CA GLU E 125 -6.55 -24.91 37.60
C GLU E 125 -6.05 -23.67 38.37
N VAL E 126 -6.90 -23.13 39.25
CA VAL E 126 -6.64 -21.84 39.95
C VAL E 126 -6.69 -22.06 41.47
N ALA E 127 -5.70 -21.52 42.19
CA ALA E 127 -5.62 -21.52 43.66
C ALA E 127 -5.20 -20.12 44.14
N VAL E 128 -5.81 -19.64 45.23
CA VAL E 128 -5.42 -18.39 45.94
C VAL E 128 -4.64 -18.81 47.19
N PHE E 129 -3.51 -18.16 47.45
CA PHE E 129 -2.60 -18.42 48.60
C PHE E 129 -2.66 -17.22 49.54
N GLU E 130 -3.04 -17.48 50.80
CA GLU E 130 -3.32 -16.46 51.83
C GLU E 130 -2.00 -15.82 52.28
N PRO E 131 -2.01 -14.54 52.70
CA PRO E 131 -0.78 -13.83 53.06
C PRO E 131 -0.04 -14.46 54.25
N SER E 132 1.26 -14.19 54.34
CA SER E 132 2.18 -14.70 55.39
C SER E 132 1.95 -13.94 56.71
N GLU E 133 1.96 -14.68 57.83
CA GLU E 133 1.97 -14.12 59.20
C GLU E 133 3.17 -13.17 59.33
N ALA E 134 4.34 -13.60 58.84
CA ALA E 134 5.64 -12.88 58.91
C ALA E 134 5.56 -11.56 58.12
N GLU E 135 4.87 -11.55 56.97
CA GLU E 135 4.71 -10.34 56.13
C GLU E 135 3.84 -9.31 56.86
N ILE E 136 2.69 -9.75 57.40
CA ILE E 136 1.71 -8.89 58.13
C ILE E 136 2.43 -8.16 59.27
N SER E 137 3.12 -8.89 60.16
CA SER E 137 3.79 -8.35 61.37
C SER E 137 4.92 -7.39 60.98
N HIS E 138 5.65 -7.68 59.89
CA HIS E 138 6.85 -6.92 59.44
C HIS E 138 6.46 -5.63 58.72
N THR E 139 5.46 -5.68 57.82
CA THR E 139 5.12 -4.59 56.86
C THR E 139 3.75 -3.97 57.18
N GLN E 140 2.89 -4.65 57.94
CA GLN E 140 1.46 -4.31 58.14
C GLN E 140 0.75 -4.28 56.78
N LYS E 141 1.16 -5.18 55.87
CA LYS E 141 0.56 -5.36 54.52
C LYS E 141 0.37 -6.86 54.28
N ALA E 142 -0.63 -7.22 53.47
CA ALA E 142 -1.07 -8.62 53.19
C ALA E 142 -1.11 -8.84 51.68
N THR E 143 -0.19 -9.66 51.16
CA THR E 143 -0.09 -10.05 49.73
C THR E 143 -0.79 -11.40 49.52
N LEU E 144 -1.85 -11.43 48.72
CA LEU E 144 -2.47 -12.68 48.18
C LEU E 144 -1.80 -13.01 46.85
N VAL E 145 -1.52 -14.30 46.62
CA VAL E 145 -1.01 -14.82 45.31
C VAL E 145 -2.10 -15.69 44.68
N CYS E 146 -2.43 -15.42 43.42
CA CYS E 146 -3.24 -16.30 42.54
C CYS E 146 -2.29 -17.04 41.59
N LEU E 147 -2.54 -18.33 41.36
CA LEU E 147 -1.71 -19.20 40.49
C LEU E 147 -2.64 -20.02 39.59
N ALA E 148 -2.58 -19.77 38.28
CA ALA E 148 -3.27 -20.54 37.21
C ALA E 148 -2.25 -21.50 36.60
N THR E 149 -2.56 -22.80 36.56
CA THR E 149 -1.63 -23.88 36.14
C THR E 149 -2.28 -24.77 35.07
N GLY E 150 -1.45 -25.36 34.21
CA GLY E 150 -1.81 -26.46 33.29
C GLY E 150 -2.79 -26.05 32.20
N PHE E 151 -2.81 -24.77 31.81
CA PHE E 151 -3.71 -24.25 30.75
C PHE E 151 -2.97 -24.24 29.41
N TYR E 152 -3.71 -24.48 28.32
CA TYR E 152 -3.19 -24.50 26.92
C TYR E 152 -4.35 -24.37 25.95
N PRO E 153 -4.25 -23.55 24.88
CA PRO E 153 -3.10 -22.65 24.67
C PRO E 153 -3.11 -21.47 25.65
N ASP E 154 -2.16 -20.53 25.47
CA ASP E 154 -2.03 -19.31 26.30
C ASP E 154 -3.16 -18.33 25.97
N HIS E 155 -4.39 -18.67 26.37
CA HIS E 155 -5.64 -17.91 26.11
C HIS E 155 -6.34 -17.61 27.44
N VAL E 156 -5.76 -16.74 28.27
CA VAL E 156 -6.26 -16.44 29.64
C VAL E 156 -6.31 -14.93 29.86
N GLU E 157 -7.32 -14.48 30.62
CA GLU E 157 -7.41 -13.12 31.22
C GLU E 157 -7.63 -13.29 32.74
N LEU E 158 -6.67 -12.88 33.55
CA LEU E 158 -6.71 -12.99 35.04
C LEU E 158 -7.17 -11.64 35.61
N SER E 159 -8.16 -11.68 36.51
CA SER E 159 -8.73 -10.48 37.19
C SER E 159 -8.98 -10.79 38.66
N TRP E 160 -8.78 -9.81 39.53
CA TRP E 160 -9.08 -9.87 40.99
C TRP E 160 -10.45 -9.22 41.23
N TRP E 161 -11.23 -9.81 42.15
CA TRP E 161 -12.57 -9.31 42.56
C TRP E 161 -12.64 -9.27 44.09
N VAL E 162 -12.70 -8.07 44.66
CA VAL E 162 -12.83 -7.82 46.12
C VAL E 162 -14.26 -7.35 46.39
N ASN E 163 -15.02 -8.10 47.19
CA ASN E 163 -16.44 -7.81 47.51
C ASN E 163 -17.23 -7.67 46.20
N GLY E 164 -16.92 -8.52 45.21
CA GLY E 164 -17.61 -8.57 43.90
C GLY E 164 -17.31 -7.37 43.02
N LYS E 165 -16.22 -6.65 43.29
CA LYS E 165 -15.78 -5.45 42.51
C LYS E 165 -14.42 -5.74 41.88
N GLU E 166 -14.30 -5.55 40.55
CA GLU E 166 -13.04 -5.76 39.79
C GLU E 166 -12.01 -4.75 40.30
N VAL E 167 -10.83 -5.25 40.73
CA VAL E 167 -9.70 -4.43 41.25
C VAL E 167 -8.81 -4.01 40.07
N HIS E 168 -8.48 -2.71 39.99
CA HIS E 168 -7.65 -2.11 38.92
C HIS E 168 -6.32 -1.56 39.47
N SER E 169 -6.12 -1.62 40.80
CA SER E 169 -4.94 -1.06 41.50
C SER E 169 -4.59 -1.93 42.71
N GLY E 170 -3.31 -1.94 43.12
CA GLY E 170 -2.77 -2.81 44.18
C GLY E 170 -2.53 -4.22 43.67
N VAL E 171 -2.48 -4.38 42.33
CA VAL E 171 -2.39 -5.68 41.62
C VAL E 171 -1.28 -5.60 40.58
N CYS E 172 -0.58 -6.71 40.33
CA CYS E 172 0.20 -6.96 39.08
C CYS E 172 0.22 -8.45 38.78
N THR E 173 0.15 -8.80 37.49
CA THR E 173 0.24 -10.16 36.93
C THR E 173 1.58 -10.28 36.19
N ASP E 174 2.13 -11.49 36.10
CA ASP E 174 3.35 -11.77 35.30
C ASP E 174 3.11 -11.27 33.88
N PRO E 175 4.07 -10.55 33.25
CA PRO E 175 3.91 -10.12 31.85
C PRO E 175 3.76 -11.31 30.89
N GLN E 176 4.41 -12.44 31.20
CA GLN E 176 4.39 -13.70 30.42
C GLN E 176 3.95 -14.85 31.33
N PRO E 177 3.30 -15.91 30.79
CA PRO E 177 3.19 -17.18 31.48
C PRO E 177 4.49 -18.01 31.39
N LEU E 178 4.71 -18.92 32.33
CA LEU E 178 5.81 -19.92 32.31
C LEU E 178 5.32 -21.20 31.63
N LYS E 179 6.16 -21.80 30.80
CA LYS E 179 5.98 -23.20 30.30
C LYS E 179 6.28 -24.15 31.46
N GLU E 180 5.34 -25.03 31.80
CA GLU E 180 5.46 -26.00 32.92
C GLU E 180 6.48 -27.09 32.56
N GLN E 181 6.62 -27.38 31.26
CA GLN E 181 7.69 -28.24 30.68
C GLN E 181 8.41 -27.45 29.59
N PRO E 182 9.39 -26.59 29.94
CA PRO E 182 10.04 -25.71 28.98
C PRO E 182 10.67 -26.45 27.78
N ALA E 183 11.11 -27.69 27.98
CA ALA E 183 11.69 -28.58 26.96
C ALA E 183 10.65 -28.89 25.87
N LEU E 184 9.44 -29.30 26.29
CA LEU E 184 8.33 -29.68 25.37
C LEU E 184 7.80 -28.41 24.69
N ASN E 185 7.43 -28.51 23.41
CA ASN E 185 7.01 -27.36 22.56
C ASN E 185 5.49 -27.22 22.56
N ASP E 186 4.75 -28.25 23.02
CA ASP E 186 3.28 -28.20 23.26
C ASP E 186 3.03 -28.07 24.77
N SER E 187 3.98 -27.47 25.49
CA SER E 187 3.96 -27.30 26.98
C SER E 187 2.75 -26.47 27.40
N ARG E 188 2.05 -26.91 28.44
CA ARG E 188 1.00 -26.10 29.12
C ARG E 188 1.68 -24.98 29.91
N TYR E 189 0.88 -24.02 30.38
CA TYR E 189 1.35 -22.72 30.92
C TYR E 189 0.92 -22.55 32.37
N ALA E 190 1.72 -21.81 33.14
CA ALA E 190 1.41 -21.32 34.50
C ALA E 190 1.49 -19.79 34.49
N LEU E 191 0.61 -19.14 35.25
CA LEU E 191 0.54 -17.66 35.39
C LEU E 191 0.21 -17.32 36.84
N SER E 192 0.97 -16.39 37.44
CA SER E 192 0.74 -15.88 38.82
C SER E 192 0.36 -14.40 38.76
N SER E 193 -0.45 -13.95 39.73
CA SER E 193 -0.81 -12.55 39.98
C SER E 193 -0.74 -12.27 41.47
N ARG E 194 -0.51 -11.02 41.86
CA ARG E 194 -0.42 -10.57 43.27
C ARG E 194 -1.49 -9.51 43.53
N LEU E 195 -2.17 -9.60 44.67
CA LEU E 195 -3.06 -8.56 45.24
C LEU E 195 -2.54 -8.21 46.63
N ARG E 196 -2.13 -6.95 46.84
CA ARG E 196 -1.60 -6.47 48.15
C ARG E 196 -2.54 -5.40 48.71
N VAL E 197 -3.04 -5.64 49.92
CA VAL E 197 -3.91 -4.73 50.71
C VAL E 197 -3.26 -4.52 52.08
N SER E 198 -3.78 -3.58 52.87
CA SER E 198 -3.37 -3.36 54.29
C SER E 198 -3.67 -4.62 55.11
N ALA E 199 -2.87 -4.91 56.13
CA ALA E 199 -3.11 -5.98 57.13
C ALA E 199 -4.52 -5.81 57.70
N THR E 200 -4.92 -4.56 57.93
CA THR E 200 -6.28 -4.12 58.34
C THR E 200 -7.34 -4.77 57.44
N PHE E 201 -7.28 -4.50 56.13
CA PHE E 201 -8.30 -4.91 55.13
C PHE E 201 -8.41 -6.44 55.09
N TRP E 202 -7.27 -7.14 55.03
CA TRP E 202 -7.19 -8.63 55.01
C TRP E 202 -7.78 -9.19 56.32
N GLN E 203 -7.56 -8.51 57.45
CA GLN E 203 -7.96 -8.99 58.80
C GLN E 203 -9.48 -8.81 59.01
N ASP E 204 -10.14 -8.04 58.14
CA ASP E 204 -11.61 -7.83 58.15
C ASP E 204 -12.28 -9.05 57.52
N PRO E 205 -13.03 -9.88 58.29
CA PRO E 205 -13.64 -11.10 57.76
C PRO E 205 -14.92 -10.87 56.94
N ARG E 206 -15.35 -9.62 56.80
CA ARG E 206 -16.48 -9.22 55.91
C ARG E 206 -15.98 -9.02 54.48
N ASN E 207 -14.66 -8.96 54.28
CA ASN E 207 -14.01 -8.72 52.95
C ASN E 207 -13.77 -10.06 52.24
N HIS E 208 -14.32 -10.19 51.02
CA HIS E 208 -14.19 -11.36 50.12
C HIS E 208 -13.14 -11.08 49.04
N PHE E 209 -12.22 -12.03 48.80
CA PHE E 209 -11.16 -11.96 47.76
C PHE E 209 -11.32 -13.13 46.79
N ARG E 210 -11.44 -12.84 45.49
CA ARG E 210 -11.60 -13.86 44.43
C ARG E 210 -10.71 -13.51 43.22
N CYS E 211 -9.80 -14.41 42.86
N CYS E 211 -9.81 -14.42 42.83
CA CYS E 211 -9.03 -14.36 41.60
CA CYS E 211 -8.99 -14.32 41.59
C CYS E 211 -9.79 -15.13 40.52
C CYS E 211 -9.65 -15.14 40.48
N GLN E 212 -10.01 -14.49 39.37
CA GLN E 212 -10.78 -15.07 38.25
C GLN E 212 -9.87 -15.22 37.03
N VAL E 213 -9.85 -16.40 36.42
CA VAL E 213 -9.16 -16.69 35.13
C VAL E 213 -10.22 -17.07 34.10
N GLN E 214 -10.51 -16.15 33.16
CA GLN E 214 -11.31 -16.42 31.94
C GLN E 214 -10.41 -17.14 30.94
N PHE E 215 -10.71 -18.41 30.65
CA PHE E 215 -10.00 -19.24 29.64
C PHE E 215 -10.84 -19.25 28.36
N TYR E 216 -10.19 -19.05 27.21
CA TYR E 216 -10.79 -19.14 25.85
C TYR E 216 -10.28 -20.41 25.19
N GLY E 217 -11.13 -21.43 25.08
CA GLY E 217 -10.79 -22.78 24.58
C GLY E 217 -11.54 -23.10 23.30
N LEU E 218 -12.19 -24.25 23.26
CA LEU E 218 -12.94 -24.76 22.07
C LEU E 218 -14.35 -24.15 22.08
N SER E 219 -14.86 -23.80 20.90
CA SER E 219 -16.25 -23.31 20.67
C SER E 219 -17.19 -24.51 20.55
N GLU E 220 -18.51 -24.25 20.48
CA GLU E 220 -19.58 -25.27 20.34
C GLU E 220 -19.38 -26.06 19.03
N ASN E 221 -18.82 -25.42 18.01
CA ASN E 221 -18.61 -25.98 16.64
C ASN E 221 -17.71 -27.22 16.69
N ASP E 222 -16.65 -27.16 17.50
CA ASP E 222 -15.50 -28.11 17.45
C ASP E 222 -15.93 -29.51 17.90
N GLU E 223 -15.51 -30.53 17.14
CA GLU E 223 -15.66 -31.97 17.50
C GLU E 223 -14.80 -32.26 18.74
N TRP E 224 -15.25 -33.17 19.61
CA TRP E 224 -14.53 -33.59 20.84
C TRP E 224 -15.04 -34.94 21.34
N THR E 225 -14.22 -35.99 21.24
CA THR E 225 -14.56 -37.39 21.59
C THR E 225 -13.63 -37.96 22.67
N GLN E 226 -12.74 -37.12 23.24
CA GLN E 226 -11.74 -37.55 24.25
C GLN E 226 -12.46 -37.95 25.54
N ASP E 227 -11.92 -38.93 26.27
CA ASP E 227 -12.43 -39.38 27.60
C ASP E 227 -12.05 -38.33 28.65
N ARG E 228 -12.69 -37.16 28.57
CA ARG E 228 -12.31 -35.91 29.27
C ARG E 228 -13.33 -34.84 28.88
N ALA E 229 -13.82 -34.04 29.83
CA ALA E 229 -14.74 -32.91 29.57
C ALA E 229 -14.13 -32.01 28.50
N LYS E 230 -14.92 -31.60 27.51
CA LYS E 230 -14.49 -30.68 26.41
C LYS E 230 -13.94 -29.41 27.03
N PRO E 231 -12.69 -29.00 26.69
CA PRO E 231 -12.08 -27.81 27.29
C PRO E 231 -12.61 -26.53 26.61
N VAL E 232 -13.87 -26.19 26.90
CA VAL E 232 -14.60 -25.02 26.31
C VAL E 232 -14.09 -23.73 26.94
N THR E 233 -14.44 -22.59 26.35
CA THR E 233 -14.32 -21.25 26.97
C THR E 233 -15.09 -21.29 28.30
N GLN E 234 -14.45 -20.87 29.39
CA GLN E 234 -15.01 -20.99 30.76
C GLN E 234 -14.20 -20.14 31.73
N ILE E 235 -14.83 -19.74 32.83
CA ILE E 235 -14.19 -19.06 33.99
C ILE E 235 -13.82 -20.14 35.02
N VAL E 236 -12.56 -20.14 35.47
CA VAL E 236 -12.08 -20.92 36.64
C VAL E 236 -11.57 -19.90 37.67
N SER E 237 -12.03 -19.98 38.91
CA SER E 237 -11.71 -19.01 39.99
C SER E 237 -11.45 -19.73 41.31
N ALA E 238 -10.75 -19.05 42.21
CA ALA E 238 -10.48 -19.48 43.61
C ALA E 238 -10.76 -18.30 44.55
N GLU E 239 -11.19 -18.59 45.78
CA GLU E 239 -11.67 -17.59 46.76
C GLU E 239 -10.86 -17.66 48.06
N ALA E 240 -10.97 -16.61 48.87
CA ALA E 240 -10.50 -16.54 50.28
C ALA E 240 -11.21 -15.39 50.98
N TRP E 241 -11.75 -15.63 52.18
CA TRP E 241 -12.31 -14.58 53.07
C TRP E 241 -11.20 -14.06 53.98
N GLY E 242 -11.30 -12.80 54.42
CA GLY E 242 -10.42 -12.21 55.44
C GLY E 242 -10.55 -12.94 56.77
N ARG E 243 -9.55 -12.83 57.64
CA ARG E 243 -9.52 -13.47 58.98
C ARG E 243 -8.91 -12.49 60.01
N ALA E 244 -9.49 -12.43 61.21
CA ALA E 244 -9.12 -11.49 62.30
C ALA E 244 -7.93 -12.03 63.10
N ASP E 245 -7.08 -12.89 62.51
CA ASP E 245 -5.83 -13.39 63.11
C ASP E 245 -4.76 -12.30 63.02
C1 EDO F . -5.19 22.41 -5.52
O1 EDO F . -4.71 21.08 -5.60
C2 EDO F . -5.21 23.09 -6.84
O2 EDO F . -6.14 24.14 -6.90
C1 EDO G . 7.62 -10.83 -17.65
O1 EDO G . 7.68 -10.87 -16.24
C2 EDO G . 7.07 -9.54 -18.17
O2 EDO G . 6.02 -9.02 -17.38
C1 EDO H . 4.60 10.99 -27.27
O1 EDO H . 5.67 11.84 -26.93
C2 EDO H . 5.04 9.79 -28.01
O2 EDO H . 5.43 10.05 -29.34
C1 EDO I . -15.63 1.23 -21.35
O1 EDO I . -16.55 0.39 -22.04
C2 EDO I . -14.47 0.49 -20.82
O2 EDO I . -13.75 -0.21 -21.81
C1 EDO J . 4.27 4.06 -48.66
O1 EDO J . 5.37 4.55 -49.40
C2 EDO J . 3.48 5.14 -48.02
O2 EDO J . 2.23 4.69 -47.54
C1 EDO K . -6.57 7.26 -46.79
O1 EDO K . -5.51 7.13 -45.86
C2 EDO K . -6.91 5.98 -47.47
O2 EDO K . -5.88 5.50 -48.32
C1 EDO L . -3.75 -2.79 -24.65
O1 EDO L . -2.84 -3.87 -24.71
C2 EDO L . -3.44 -1.72 -25.62
O2 EDO L . -4.53 -0.87 -25.94
C1 EDO M . -5.78 -9.46 21.21
O1 EDO M . -5.31 -8.18 21.57
C2 EDO M . -6.89 -9.95 22.06
O2 EDO M . -6.64 -9.79 23.45
#